data_1PNB
#
_entry.id   1PNB
#
_cell.length_a   1.000
_cell.length_b   1.000
_cell.length_c   1.000
_cell.angle_alpha   90.00
_cell.angle_beta   90.00
_cell.angle_gamma   90.00
#
_symmetry.space_group_name_H-M   'P 1'
#
loop_
_entity.id
_entity.type
_entity.pdbx_description
1 polymer 'NAPIN BNIB'
2 polymer 'NAPIN BNIB'
#
loop_
_entity_poly.entity_id
_entity_poly.type
_entity_poly.pdbx_seq_one_letter_code
_entity_poly.pdbx_strand_id
1 'polypeptide(L)' QPQKCQREFQQEQHLRACQQWIRQQLAGSPF A
2 'polypeptide(L)' QSGPQQGPWLREQCCNELYQEDQVCVCPTLKQAAKSVRVQGQHGPFQSTRIYQIAKNLPNVCNMKQIGTCPFIAI B
#
# COMPACT_ATOMS: atom_id res chain seq x y z
N GLN A 1 1.12 8.76 -16.47
CA GLN A 1 1.71 9.67 -15.51
C GLN A 1 0.67 10.68 -15.02
N PRO A 2 -0.38 10.16 -14.34
CA PRO A 2 -1.44 10.99 -13.82
C PRO A 2 -0.98 11.75 -12.57
N GLN A 3 -1.20 13.06 -12.61
CA GLN A 3 -0.82 13.92 -11.50
C GLN A 3 -1.78 13.73 -10.33
N LYS A 4 -3.06 13.61 -10.66
CA LYS A 4 -4.09 13.44 -9.66
C LYS A 4 -3.76 12.20 -8.81
N CYS A 5 -3.30 11.16 -9.50
CA CYS A 5 -2.95 9.92 -8.83
C CYS A 5 -1.91 10.23 -7.76
N GLN A 6 -0.72 10.60 -8.22
CA GLN A 6 0.37 10.93 -7.32
C GLN A 6 -0.09 11.94 -6.27
N ARG A 7 -0.92 12.88 -6.73
CA ARG A 7 -1.44 13.91 -5.84
C ARG A 7 -2.33 13.28 -4.76
N GLU A 8 -3.50 12.83 -5.19
CA GLU A 8 -4.45 12.21 -4.28
C GLU A 8 -3.71 11.36 -3.23
N PHE A 9 -2.69 10.66 -3.71
CA PHE A 9 -1.90 9.81 -2.84
C PHE A 9 -1.39 10.59 -1.63
N GLN A 10 -0.49 11.53 -1.90
CA GLN A 10 0.08 12.35 -0.86
C GLN A 10 -0.91 13.43 -0.43
N GLN A 11 -1.47 14.11 -1.43
CA GLN A 11 -2.42 15.17 -1.17
C GLN A 11 -3.37 14.76 -0.04
N GLU A 12 -3.71 13.49 -0.02
CA GLU A 12 -4.60 12.96 0.99
C GLU A 12 -3.86 12.80 2.32
N GLN A 13 -3.30 11.62 2.52
CA GLN A 13 -2.56 11.33 3.74
C GLN A 13 -2.15 9.86 3.77
N HIS A 14 -1.20 9.52 2.91
CA HIS A 14 -0.71 8.16 2.84
C HIS A 14 -1.36 7.31 3.94
N LEU A 15 -2.18 6.36 3.52
CA LEU A 15 -2.87 5.49 4.46
C LEU A 15 -1.90 5.09 5.57
N ARG A 16 -2.47 4.61 6.66
CA ARG A 16 -1.68 4.18 7.81
C ARG A 16 -1.82 2.68 8.02
N ALA A 17 -3.07 2.22 7.98
CA ALA A 17 -3.35 0.81 8.17
C ALA A 17 -2.41 -0.02 7.32
N CYS A 18 -1.99 0.56 6.20
CA CYS A 18 -1.08 -0.11 5.29
C CYS A 18 0.34 0.00 5.86
N GLN A 19 0.57 1.09 6.58
CA GLN A 19 1.88 1.33 7.18
C GLN A 19 2.49 0.00 7.64
N GLN A 20 1.62 -0.91 8.06
CA GLN A 20 2.06 -2.21 8.52
C GLN A 20 2.82 -2.94 7.42
N TRP A 21 2.07 -3.59 6.55
CA TRP A 21 2.67 -4.33 5.44
C TRP A 21 3.60 -3.38 4.69
N ILE A 22 3.01 -2.34 4.12
CA ILE A 22 3.78 -1.36 3.38
C ILE A 22 5.19 -1.26 3.96
N ARG A 23 5.24 -1.19 5.29
CA ARG A 23 6.51 -1.10 5.98
C ARG A 23 7.10 -2.49 6.19
N GLN A 24 6.46 -3.26 7.07
CA GLN A 24 6.92 -4.60 7.37
C GLN A 24 7.36 -5.30 6.09
N GLN A 25 6.60 -5.09 5.03
CA GLN A 25 6.91 -5.70 3.74
C GLN A 25 8.42 -5.68 3.51
N LEU A 26 9.04 -4.59 3.92
CA LEU A 26 10.48 -4.44 3.75
C LEU A 26 11.16 -5.77 4.04
N ALA A 27 10.78 -6.36 5.16
CA ALA A 27 11.35 -7.63 5.57
C ALA A 27 11.41 -8.57 4.36
N GLY A 28 12.17 -9.65 4.52
CA GLY A 28 12.31 -10.63 3.46
C GLY A 28 13.74 -11.17 3.41
N SER A 29 14.23 -11.56 4.58
CA SER A 29 15.58 -12.10 4.67
C SER A 29 15.83 -12.60 6.10
N PRO A 30 15.47 -13.90 6.33
CA PRO A 30 15.66 -14.51 7.62
C PRO A 30 17.14 -14.84 7.88
N PHE A 31 17.59 -14.50 9.07
CA PHE A 31 18.97 -14.75 9.45
C PHE A 31 19.16 -16.20 9.89
N GLN B 1 0.48 -11.95 12.23
CA GLN B 1 -0.88 -12.35 12.57
C GLN B 1 -0.88 -13.72 13.23
N SER B 2 -0.13 -13.80 14.33
CA SER B 2 -0.04 -15.05 15.07
C SER B 2 -1.39 -15.40 15.68
N GLY B 3 -1.64 -16.70 15.79
CA GLY B 3 -2.90 -17.17 16.36
C GLY B 3 -4.10 -16.49 15.68
N PRO B 4 -4.24 -16.76 14.37
CA PRO B 4 -5.33 -16.19 13.60
C PRO B 4 -6.66 -16.87 13.93
N GLN B 5 -7.69 -16.07 14.12
CA GLN B 5 -9.00 -16.59 14.45
C GLN B 5 -10.05 -15.47 14.37
N GLN B 6 -9.89 -14.63 13.35
CA GLN B 6 -10.81 -13.53 13.15
C GLN B 6 -10.65 -12.96 11.74
N GLY B 7 -11.74 -12.38 11.24
CA GLY B 7 -11.73 -11.80 9.91
C GLY B 7 -12.37 -10.40 9.92
N PRO B 8 -11.53 -9.39 10.27
CA PRO B 8 -12.00 -8.01 10.32
C PRO B 8 -12.18 -7.44 8.91
N TRP B 9 -12.99 -6.41 8.82
CA TRP B 9 -13.26 -5.76 7.55
C TRP B 9 -12.72 -4.32 7.62
N LEU B 10 -11.68 -4.16 8.43
CA LEU B 10 -11.07 -2.85 8.61
C LEU B 10 -10.15 -2.57 7.42
N ARG B 11 -9.37 -3.57 7.06
CA ARG B 11 -8.44 -3.43 5.95
C ARG B 11 -9.08 -2.62 4.82
N GLU B 12 -10.35 -2.91 4.57
CA GLU B 12 -11.10 -2.23 3.53
C GLU B 12 -10.79 -0.73 3.57
N GLN B 13 -10.77 -0.19 4.78
CA GLN B 13 -10.50 1.22 4.97
C GLN B 13 -9.33 1.66 4.08
N CYS B 14 -8.33 0.79 3.99
CA CYS B 14 -7.16 1.06 3.19
C CYS B 14 -7.61 1.24 1.73
N CYS B 15 -8.29 0.21 1.23
CA CYS B 15 -8.77 0.24 -0.14
C CYS B 15 -9.80 1.37 -0.27
N ASN B 16 -10.70 1.42 0.70
CA ASN B 16 -11.74 2.43 0.71
C ASN B 16 -11.15 3.76 0.23
N GLU B 17 -9.92 4.00 0.65
CA GLU B 17 -9.22 5.23 0.26
C GLU B 17 -9.00 5.26 -1.25
N LEU B 18 -8.51 4.14 -1.77
CA LEU B 18 -8.25 4.04 -3.20
C LEU B 18 -9.56 3.71 -3.93
N TYR B 19 -10.27 2.74 -3.39
CA TYR B 19 -11.54 2.32 -3.98
C TYR B 19 -12.48 3.51 -4.14
N GLN B 20 -12.71 4.21 -3.04
CA GLN B 20 -13.58 5.37 -3.05
C GLN B 20 -13.39 6.16 -4.34
N GLU B 21 -12.14 6.24 -4.77
CA GLU B 21 -11.80 6.96 -5.98
C GLU B 21 -11.86 6.03 -7.20
N ASP B 22 -11.03 6.34 -8.18
CA ASP B 22 -10.97 5.55 -9.40
C ASP B 22 -9.80 4.57 -9.30
N GLN B 23 -10.12 3.29 -9.40
CA GLN B 23 -9.11 2.26 -9.32
C GLN B 23 -7.87 2.67 -10.13
N VAL B 24 -8.09 3.60 -11.05
CA VAL B 24 -7.01 4.09 -11.89
C VAL B 24 -5.74 4.26 -11.05
N CYS B 25 -5.96 4.52 -9.77
CA CYS B 25 -4.84 4.70 -8.84
C CYS B 25 -4.87 3.55 -7.84
N VAL B 26 -4.62 2.35 -8.35
CA VAL B 26 -4.61 1.16 -7.52
C VAL B 26 -3.16 0.74 -7.27
N CYS B 27 -2.63 -0.04 -8.21
CA CYS B 27 -1.27 -0.52 -8.11
C CYS B 27 -0.33 0.67 -8.22
N PRO B 28 -0.80 1.72 -8.96
CA PRO B 28 -0.01 2.92 -9.15
C PRO B 28 -0.01 3.78 -7.87
N THR B 29 -0.87 3.40 -6.94
CA THR B 29 -0.97 4.12 -5.69
C THR B 29 0.09 3.64 -4.71
N LEU B 30 0.37 2.35 -4.76
CA LEU B 30 1.37 1.76 -3.89
C LEU B 30 2.76 2.00 -4.47
N LYS B 31 2.89 1.74 -5.76
CA LYS B 31 4.15 1.92 -6.45
C LYS B 31 4.83 3.18 -5.91
N GLN B 32 4.12 4.29 -6.01
CA GLN B 32 4.65 5.56 -5.55
C GLN B 32 5.09 5.45 -4.08
N ALA B 33 4.33 4.66 -3.34
CA ALA B 33 4.63 4.46 -1.93
C ALA B 33 6.05 3.92 -1.78
N ALA B 34 6.27 2.76 -2.40
CA ALA B 34 7.58 2.13 -2.35
C ALA B 34 8.67 3.19 -2.49
N LYS B 35 8.40 4.15 -3.37
CA LYS B 35 9.34 5.23 -3.60
C LYS B 35 9.93 5.69 -2.26
N SER B 36 9.06 5.88 -1.30
CA SER B 36 9.48 6.31 0.02
C SER B 36 10.04 5.12 0.81
N VAL B 37 9.27 4.04 0.81
CA VAL B 37 9.68 2.84 1.52
C VAL B 37 11.16 2.55 1.23
N ARG B 38 11.40 1.98 0.07
CA ARG B 38 12.75 1.65 -0.35
C ARG B 38 13.75 2.54 0.38
N VAL B 39 13.91 3.75 -0.14
CA VAL B 39 14.83 4.70 0.46
C VAL B 39 15.54 4.05 1.65
N GLN B 40 16.77 3.60 1.39
CA GLN B 40 17.56 2.95 2.44
C GLN B 40 17.00 3.31 3.82
N GLY B 41 17.62 4.31 4.43
CA GLY B 41 17.20 4.76 5.74
C GLY B 41 17.22 3.60 6.75
N GLN B 42 16.16 2.82 6.73
CA GLN B 42 16.04 1.67 7.62
C GLN B 42 16.16 0.36 6.83
N HIS B 43 16.27 0.51 5.52
CA HIS B 43 16.39 -0.65 4.65
C HIS B 43 17.42 -0.36 3.56
N GLY B 44 18.66 -0.18 4.00
CA GLY B 44 19.75 0.09 3.06
C GLY B 44 19.42 -0.42 1.66
N PRO B 45 19.83 -1.69 1.40
CA PRO B 45 19.59 -2.31 0.12
C PRO B 45 18.12 -2.73 -0.02
N PHE B 46 17.70 -2.87 -1.27
CA PHE B 46 16.33 -3.26 -1.55
C PHE B 46 16.12 -3.48 -3.05
N GLN B 47 14.88 -3.82 -3.40
CA GLN B 47 14.54 -4.06 -4.79
C GLN B 47 13.34 -3.20 -5.19
N SER B 48 13.51 -1.90 -5.03
CA SER B 48 12.45 -0.96 -5.37
C SER B 48 11.76 -1.40 -6.66
N THR B 49 12.56 -1.93 -7.58
CA THR B 49 12.03 -2.39 -8.85
C THR B 49 11.14 -3.62 -8.64
N ARG B 50 11.66 -4.58 -7.91
CA ARG B 50 10.93 -5.80 -7.63
C ARG B 50 9.90 -5.56 -6.53
N ILE B 51 10.41 -5.21 -5.36
CA ILE B 51 9.54 -4.95 -4.22
C ILE B 51 8.28 -4.23 -4.69
N TYR B 52 8.46 -3.39 -5.69
CA TYR B 52 7.35 -2.64 -6.26
C TYR B 52 6.20 -3.58 -6.65
N GLN B 53 6.44 -4.33 -7.71
CA GLN B 53 5.44 -5.27 -8.20
C GLN B 53 5.08 -6.28 -7.11
N ILE B 54 6.05 -7.12 -6.78
CA ILE B 54 5.85 -8.14 -5.76
C ILE B 54 4.87 -7.61 -4.71
N ALA B 55 5.35 -6.65 -3.93
CA ALA B 55 4.54 -6.05 -2.90
C ALA B 55 3.22 -6.81 -2.77
N LYS B 56 2.20 -6.11 -2.30
CA LYS B 56 0.89 -6.72 -2.13
C LYS B 56 0.05 -5.84 -1.20
N ASN B 57 -1.09 -5.40 -1.73
CA ASN B 57 -1.99 -4.56 -0.96
C ASN B 57 -1.70 -4.74 0.54
N LEU B 58 -1.59 -5.99 0.93
CA LEU B 58 -1.32 -6.32 2.33
C LEU B 58 -0.72 -7.72 2.41
N PRO B 59 -1.48 -8.70 1.84
CA PRO B 59 -2.75 -8.39 1.21
C PRO B 59 -3.83 -8.12 2.26
N ASN B 60 -4.89 -7.48 1.80
CA ASN B 60 -6.01 -7.15 2.69
C ASN B 60 -6.71 -5.89 2.18
N VAL B 61 -5.93 -4.81 2.09
CA VAL B 61 -6.46 -3.55 1.62
C VAL B 61 -7.91 -3.74 1.16
N CYS B 62 -8.07 -4.59 0.16
CA CYS B 62 -9.39 -4.87 -0.38
C CYS B 62 -9.56 -6.39 -0.45
N ASN B 63 -9.00 -6.98 -1.50
CA ASN B 63 -9.09 -8.42 -1.69
C ASN B 63 -9.53 -8.70 -3.13
N MET B 64 -8.91 -7.98 -4.05
CA MET B 64 -9.23 -8.16 -5.47
C MET B 64 -7.97 -8.01 -6.33
N LYS B 65 -7.42 -9.15 -6.72
CA LYS B 65 -6.22 -9.16 -7.54
C LYS B 65 -6.61 -8.83 -8.99
N GLN B 66 -7.91 -8.68 -9.20
CA GLN B 66 -8.41 -8.37 -10.52
C GLN B 66 -8.33 -6.85 -10.79
N ILE B 67 -8.11 -6.11 -9.71
CA ILE B 67 -7.99 -4.67 -9.81
C ILE B 67 -6.51 -4.28 -9.89
N GLY B 68 -5.77 -4.68 -8.87
CA GLY B 68 -4.36 -4.39 -8.81
C GLY B 68 -3.89 -4.21 -7.36
N THR B 69 -2.58 -4.31 -7.19
CA THR B 69 -2.00 -4.17 -5.86
C THR B 69 -0.51 -3.79 -5.96
N CYS B 70 -0.02 -3.14 -4.91
CA CYS B 70 1.37 -2.73 -4.88
C CYS B 70 1.70 -2.29 -3.46
N PRO B 71 3.00 -1.95 -3.25
CA PRO B 71 3.46 -1.51 -1.94
C PRO B 71 3.01 -0.06 -1.66
N PHE B 72 2.37 0.11 -0.52
CA PHE B 72 1.89 1.42 -0.12
C PHE B 72 2.87 2.10 0.83
N ILE B 73 2.36 3.11 1.53
CA ILE B 73 3.18 3.85 2.47
C ILE B 73 2.29 4.69 3.38
N ALA B 74 2.89 5.25 4.42
CA ALA B 74 2.15 6.08 5.36
C ALA B 74 2.91 7.39 5.57
N ILE B 75 2.28 8.28 6.33
CA ILE B 75 2.87 9.57 6.61
C ILE B 75 4.26 9.36 7.23
N GLN A 1 -0.11 8.57 -16.78
CA GLN A 1 0.83 9.26 -15.92
C GLN A 1 0.17 10.49 -15.29
N PRO A 2 -0.82 10.22 -14.40
CA PRO A 2 -1.54 11.28 -13.73
C PRO A 2 -0.69 11.90 -12.62
N GLN A 3 -0.59 13.23 -12.66
CA GLN A 3 0.20 13.95 -11.68
C GLN A 3 -0.61 14.12 -10.38
N LYS A 4 -1.89 14.38 -10.56
CA LYS A 4 -2.78 14.58 -9.42
C LYS A 4 -2.82 13.29 -8.59
N CYS A 5 -2.84 12.18 -9.30
CA CYS A 5 -2.89 10.87 -8.63
C CYS A 5 -1.68 10.78 -7.68
N GLN A 6 -0.50 10.88 -8.27
CA GLN A 6 0.72 10.81 -7.49
C GLN A 6 0.68 11.81 -6.34
N ARG A 7 0.21 13.02 -6.66
CA ARG A 7 0.11 14.07 -5.67
C ARG A 7 -0.89 13.68 -4.57
N GLU A 8 -2.10 13.39 -5.00
CA GLU A 8 -3.15 13.00 -4.07
C GLU A 8 -2.58 12.11 -2.97
N PHE A 9 -1.73 11.19 -3.38
CA PHE A 9 -1.11 10.27 -2.44
C PHE A 9 -0.62 11.01 -1.19
N GLN A 10 0.38 11.86 -1.40
CA GLN A 10 0.94 12.64 -0.31
C GLN A 10 0.00 13.79 0.06
N GLN A 11 -0.60 14.38 -0.96
CA GLN A 11 -1.52 15.49 -0.75
C GLN A 11 -2.35 15.26 0.52
N GLU A 12 -2.80 14.02 0.68
CA GLU A 12 -3.60 13.66 1.84
C GLU A 12 -2.69 13.32 3.02
N GLN A 13 -2.37 12.04 3.14
CA GLN A 13 -1.52 11.58 4.21
C GLN A 13 -1.36 10.06 4.15
N HIS A 14 -0.66 9.61 3.12
CA HIS A 14 -0.43 8.19 2.93
C HIS A 14 -1.12 7.40 4.05
N LEU A 15 -2.21 6.74 3.67
CA LEU A 15 -2.98 5.95 4.62
C LEU A 15 -2.01 5.23 5.57
N ARG A 16 -2.59 4.62 6.59
CA ARG A 16 -1.80 3.90 7.57
C ARG A 16 -2.10 2.40 7.50
N ALA A 17 -3.39 2.08 7.60
CA ALA A 17 -3.82 0.69 7.54
C ALA A 17 -3.02 -0.04 6.48
N CYS A 18 -2.94 0.58 5.30
CA CYS A 18 -2.21 -0.01 4.19
C CYS A 18 -0.72 0.31 4.37
N GLN A 19 -0.46 1.54 4.81
CA GLN A 19 0.91 1.98 5.03
C GLN A 19 1.69 0.92 5.81
N GLN A 20 0.98 0.25 6.72
CA GLN A 20 1.59 -0.79 7.53
C GLN A 20 2.64 -1.55 6.72
N TRP A 21 2.15 -2.39 5.81
CA TRP A 21 3.03 -3.18 4.98
C TRP A 21 3.92 -2.22 4.19
N ILE A 22 3.27 -1.43 3.33
CA ILE A 22 3.99 -0.47 2.52
C ILE A 22 5.21 0.04 3.28
N ARG A 23 4.99 0.40 4.52
CA ARG A 23 6.05 0.90 5.37
C ARG A 23 6.77 -0.26 6.06
N GLN A 24 6.06 -0.87 7.01
CA GLN A 24 6.61 -1.98 7.75
C GLN A 24 7.46 -2.85 6.84
N GLN A 25 7.03 -2.95 5.59
CA GLN A 25 7.75 -3.75 4.61
C GLN A 25 9.25 -3.71 4.89
N LEU A 26 9.72 -2.53 5.24
CA LEU A 26 11.14 -2.34 5.54
C LEU A 26 11.47 -3.00 6.88
N ALA A 27 10.80 -2.52 7.92
CA ALA A 27 11.01 -3.04 9.26
C ALA A 27 10.48 -4.48 9.32
N GLY A 28 10.11 -4.89 10.53
CA GLY A 28 9.60 -6.22 10.74
C GLY A 28 10.17 -6.84 12.02
N SER A 29 11.49 -6.87 12.10
CA SER A 29 12.16 -7.42 13.25
C SER A 29 11.60 -6.80 14.53
N PRO A 30 11.97 -7.43 15.68
CA PRO A 30 11.52 -6.94 16.97
C PRO A 30 12.27 -5.68 17.38
N PHE A 31 11.51 -4.69 17.82
CA PHE A 31 12.08 -3.42 18.24
C PHE A 31 13.28 -3.65 19.16
N GLN B 1 -13.41 1.55 18.81
CA GLN B 1 -12.71 2.33 19.80
C GLN B 1 -11.89 1.41 20.72
N SER B 2 -11.20 2.04 21.66
CA SER B 2 -10.38 1.30 22.60
C SER B 2 -11.26 0.58 23.62
N GLY B 3 -11.31 -0.73 23.49
CA GLY B 3 -12.12 -1.54 24.40
C GLY B 3 -13.08 -2.45 23.62
N PRO B 4 -14.25 -1.86 23.25
CA PRO B 4 -15.25 -2.60 22.50
C PRO B 4 -14.84 -2.77 21.04
N GLN B 5 -15.28 -3.87 20.46
CA GLN B 5 -14.96 -4.16 19.07
C GLN B 5 -16.20 -4.70 18.35
N GLN B 6 -17.14 -3.79 18.11
CA GLN B 6 -18.37 -4.16 17.43
C GLN B 6 -18.11 -4.39 15.94
N GLY B 7 -17.80 -5.65 15.62
CA GLY B 7 -17.53 -6.00 14.24
C GLY B 7 -16.55 -5.02 13.60
N PRO B 8 -15.24 -5.32 13.74
CA PRO B 8 -14.20 -4.47 13.18
C PRO B 8 -14.10 -4.64 11.66
N TRP B 9 -13.94 -3.53 10.98
CA TRP B 9 -13.83 -3.54 9.53
C TRP B 9 -12.78 -2.49 9.13
N LEU B 10 -11.66 -2.52 9.82
CA LEU B 10 -10.59 -1.58 9.55
C LEU B 10 -9.91 -1.97 8.23
N ARG B 11 -9.77 -3.27 8.04
CA ARG B 11 -9.14 -3.77 6.82
C ARG B 11 -9.97 -3.38 5.60
N GLU B 12 -11.17 -3.92 5.54
CA GLU B 12 -12.07 -3.63 4.43
C GLU B 12 -12.08 -2.13 4.13
N GLN B 13 -12.08 -1.35 5.19
CA GLN B 13 -12.08 0.09 5.05
C GLN B 13 -10.98 0.55 4.09
N CYS B 14 -9.81 -0.04 4.26
CA CYS B 14 -8.66 0.28 3.42
C CYS B 14 -9.10 0.16 1.96
N CYS B 15 -9.41 -1.08 1.58
CA CYS B 15 -9.84 -1.36 0.22
C CYS B 15 -11.03 -0.44 -0.11
N ASN B 16 -12.01 -0.47 0.78
CA ASN B 16 -13.20 0.35 0.60
C ASN B 16 -12.79 1.73 0.07
N GLU B 17 -11.66 2.20 0.56
CA GLU B 17 -11.15 3.50 0.15
C GLU B 17 -10.62 3.43 -1.28
N LEU B 18 -9.97 2.32 -1.58
CA LEU B 18 -9.41 2.11 -2.91
C LEU B 18 -10.55 2.00 -3.93
N TYR B 19 -11.51 1.15 -3.60
CA TYR B 19 -12.65 0.95 -4.48
C TYR B 19 -13.35 2.28 -4.79
N GLN B 20 -13.39 3.13 -3.78
CA GLN B 20 -14.02 4.44 -3.93
C GLN B 20 -13.42 5.19 -5.13
N GLU B 21 -12.12 5.02 -5.29
CA GLU B 21 -11.40 5.67 -6.37
C GLU B 21 -11.17 4.68 -7.51
N ASP B 22 -10.06 4.90 -8.23
CA ASP B 22 -9.71 4.04 -9.33
C ASP B 22 -8.35 3.39 -9.06
N GLN B 23 -8.38 2.06 -8.93
CA GLN B 23 -7.16 1.31 -8.67
C GLN B 23 -6.10 1.63 -9.73
N VAL B 24 -6.48 2.50 -10.65
CA VAL B 24 -5.57 2.89 -11.72
C VAL B 24 -4.32 3.53 -11.11
N CYS B 25 -4.54 4.27 -10.04
CA CYS B 25 -3.43 4.93 -9.35
C CYS B 25 -3.22 4.23 -8.00
N VAL B 26 -3.73 3.00 -7.92
CA VAL B 26 -3.59 2.23 -6.70
C VAL B 26 -2.29 1.43 -6.75
N CYS B 27 -1.82 1.20 -7.96
CA CYS B 27 -0.58 0.46 -8.17
C CYS B 27 0.59 1.43 -8.08
N PRO B 28 0.42 2.60 -8.77
CA PRO B 28 1.45 3.62 -8.78
C PRO B 28 1.49 4.38 -7.45
N THR B 29 0.53 4.05 -6.60
CA THR B 29 0.44 4.68 -5.29
C THR B 29 1.57 4.20 -4.38
N LEU B 30 1.79 2.88 -4.42
CA LEU B 30 2.84 2.28 -3.60
C LEU B 30 4.21 2.74 -4.11
N LYS B 31 4.38 2.62 -5.42
CA LYS B 31 5.63 3.00 -6.05
C LYS B 31 6.17 4.27 -5.36
N GLN B 32 5.26 5.21 -5.12
CA GLN B 32 5.63 6.45 -4.47
C GLN B 32 6.01 6.20 -3.01
N ALA B 33 5.25 5.33 -2.37
CA ALA B 33 5.49 5.00 -0.98
C ALA B 33 6.83 4.26 -0.86
N ALA B 34 7.03 3.31 -1.77
CA ALA B 34 8.26 2.54 -1.78
C ALA B 34 9.43 3.46 -2.11
N LYS B 35 9.20 4.35 -3.06
CA LYS B 35 10.23 5.29 -3.47
C LYS B 35 10.97 5.80 -2.24
N SER B 36 10.22 6.43 -1.35
CA SER B 36 10.79 6.96 -0.13
C SER B 36 11.02 5.84 0.88
N VAL B 37 9.97 5.09 1.13
CA VAL B 37 10.05 3.97 2.07
C VAL B 37 11.36 3.23 1.86
N ARG B 38 11.41 2.44 0.80
CA ARG B 38 12.60 1.67 0.48
C ARG B 38 13.77 2.13 1.36
N VAL B 39 14.16 3.38 1.17
CA VAL B 39 15.26 3.95 1.93
C VAL B 39 15.86 2.86 2.83
N GLN B 40 16.98 2.31 2.38
CA GLN B 40 17.65 1.27 3.13
C GLN B 40 17.03 1.12 4.51
N GLY B 41 17.71 1.69 5.51
CA GLY B 41 17.23 1.63 6.88
C GLY B 41 17.01 0.18 7.32
N GLN B 42 15.85 -0.35 6.94
CA GLN B 42 15.51 -1.72 7.29
C GLN B 42 15.20 -2.52 6.03
N HIS B 43 15.24 -1.84 4.89
CA HIS B 43 14.97 -2.47 3.62
C HIS B 43 16.20 -2.37 2.72
N GLY B 44 17.32 -2.84 3.24
CA GLY B 44 18.56 -2.81 2.49
C GLY B 44 18.60 -3.92 1.44
N PRO B 45 17.97 -5.07 1.79
CA PRO B 45 17.93 -6.21 0.89
C PRO B 45 16.93 -5.97 -0.25
N PHE B 46 17.24 -6.55 -1.39
CA PHE B 46 16.39 -6.42 -2.56
C PHE B 46 15.35 -7.53 -2.62
N GLN B 47 14.14 -7.17 -3.02
CA GLN B 47 13.06 -8.13 -3.13
C GLN B 47 11.77 -7.43 -3.56
N SER B 48 11.68 -6.16 -3.23
CA SER B 48 10.51 -5.37 -3.57
C SER B 48 10.63 -4.86 -5.02
N THR B 49 11.82 -4.38 -5.36
CA THR B 49 12.07 -3.87 -6.69
C THR B 49 11.32 -4.70 -7.72
N ARG B 50 11.38 -6.01 -7.54
CA ARG B 50 10.71 -6.93 -8.46
C ARG B 50 9.20 -6.67 -8.45
N ILE B 51 8.60 -6.92 -7.30
CA ILE B 51 7.17 -6.72 -7.14
C ILE B 51 6.86 -5.22 -7.13
N TYR B 52 7.73 -4.48 -6.46
CA TYR B 52 7.57 -3.03 -6.38
C TYR B 52 7.04 -2.46 -7.69
N GLN B 53 7.51 -3.04 -8.78
CA GLN B 53 7.09 -2.59 -10.10
C GLN B 53 5.57 -2.40 -10.14
N ILE B 54 4.87 -3.46 -9.81
CA ILE B 54 3.41 -3.42 -9.80
C ILE B 54 2.92 -2.78 -8.51
N ALA B 55 2.90 -3.58 -7.46
CA ALA B 55 2.47 -3.09 -6.15
C ALA B 55 2.44 -4.26 -5.17
N LYS B 56 1.66 -4.08 -4.11
CA LYS B 56 1.54 -5.10 -3.08
C LYS B 56 0.41 -4.72 -2.12
N ASN B 57 -0.74 -5.36 -2.33
CA ASN B 57 -1.90 -5.09 -1.49
C ASN B 57 -1.43 -4.84 -0.05
N LEU B 58 -0.68 -5.80 0.47
CA LEU B 58 -0.17 -5.69 1.82
C LEU B 58 0.86 -6.80 2.07
N PRO B 59 0.43 -8.06 1.79
CA PRO B 59 -0.91 -8.30 1.32
C PRO B 59 -1.93 -8.16 2.44
N ASN B 60 -3.19 -8.04 2.06
CA ASN B 60 -4.27 -7.89 3.03
C ASN B 60 -5.42 -7.10 2.40
N VAL B 61 -5.09 -5.91 1.92
CA VAL B 61 -6.08 -5.04 1.29
C VAL B 61 -7.45 -5.72 1.35
N CYS B 62 -7.74 -6.49 0.31
CA CYS B 62 -9.02 -7.19 0.23
C CYS B 62 -8.82 -8.44 -0.63
N ASN B 63 -7.56 -8.81 -0.80
CA ASN B 63 -7.22 -9.97 -1.60
C ASN B 63 -8.14 -10.03 -2.83
N MET B 64 -8.51 -8.85 -3.30
CA MET B 64 -9.38 -8.74 -4.45
C MET B 64 -8.65 -9.16 -5.74
N LYS B 65 -8.53 -10.47 -5.91
CA LYS B 65 -7.85 -11.02 -7.08
C LYS B 65 -8.63 -10.62 -8.33
N GLN B 66 -9.76 -9.96 -8.11
CA GLN B 66 -10.60 -9.53 -9.21
C GLN B 66 -10.03 -8.27 -9.86
N ILE B 67 -9.47 -7.41 -9.03
CA ILE B 67 -8.88 -6.17 -9.51
C ILE B 67 -7.36 -6.32 -9.58
N GLY B 68 -6.76 -6.54 -8.41
CA GLY B 68 -5.32 -6.71 -8.34
C GLY B 68 -4.77 -6.13 -7.03
N THR B 69 -3.54 -6.52 -6.72
CA THR B 69 -2.90 -6.05 -5.51
C THR B 69 -2.21 -4.70 -5.76
N CYS B 70 -2.65 -3.71 -5.01
CA CYS B 70 -2.09 -2.37 -5.14
C CYS B 70 -2.74 -1.48 -4.07
N PRO B 71 -1.89 -0.59 -3.48
CA PRO B 71 -2.35 0.32 -2.45
C PRO B 71 -3.18 1.46 -3.05
N PHE B 72 -3.87 2.18 -2.18
CA PHE B 72 -4.69 3.29 -2.61
C PHE B 72 -4.31 4.58 -1.88
N ILE B 73 -5.06 5.62 -2.16
CA ILE B 73 -4.82 6.91 -1.53
C ILE B 73 -6.15 7.66 -1.36
N ALA B 74 -6.07 8.80 -0.70
CA ALA B 74 -7.25 9.61 -0.47
C ALA B 74 -7.23 10.81 -1.41
N ILE B 75 -8.09 11.79 -1.10
CA ILE B 75 -8.18 12.99 -1.91
C ILE B 75 -6.77 13.54 -2.16
N GLN A 1 -1.58 6.41 -15.80
CA GLN A 1 -0.60 6.68 -14.75
C GLN A 1 -0.63 8.16 -14.37
N PRO A 2 -1.72 8.54 -13.65
CA PRO A 2 -1.89 9.91 -13.21
C PRO A 2 -0.96 10.23 -12.04
N GLN A 3 -0.24 11.33 -12.19
CA GLN A 3 0.70 11.75 -11.15
C GLN A 3 -0.06 12.40 -9.99
N LYS A 4 -1.07 13.19 -10.35
CA LYS A 4 -1.87 13.88 -9.36
C LYS A 4 -2.20 12.92 -8.22
N CYS A 5 -2.62 11.72 -8.60
CA CYS A 5 -2.96 10.70 -7.61
C CYS A 5 -1.73 10.44 -6.74
N GLN A 6 -0.74 9.78 -7.32
CA GLN A 6 0.49 9.47 -6.61
C GLN A 6 0.93 10.67 -5.78
N ARG A 7 0.91 11.84 -6.41
CA ARG A 7 1.31 13.06 -5.74
C ARG A 7 0.31 13.41 -4.62
N GLU A 8 -0.96 13.18 -4.92
CA GLU A 8 -2.02 13.46 -3.96
C GLU A 8 -1.78 12.66 -2.68
N PHE A 9 -2.01 11.36 -2.78
CA PHE A 9 -1.83 10.49 -1.62
C PHE A 9 -0.56 10.85 -0.84
N GLN A 10 0.47 11.21 -1.60
CA GLN A 10 1.73 11.58 -0.99
C GLN A 10 1.58 12.89 -0.21
N GLN A 11 0.84 13.82 -0.80
CA GLN A 11 0.62 15.10 -0.17
C GLN A 11 -0.39 14.97 0.98
N GLU A 12 -1.37 14.11 0.75
CA GLU A 12 -2.41 13.87 1.75
C GLU A 12 -1.78 13.36 3.05
N GLN A 13 -1.63 12.04 3.13
CA GLN A 13 -1.05 11.42 4.30
C GLN A 13 -1.09 9.89 4.17
N HIS A 14 -0.37 9.40 3.18
CA HIS A 14 -0.32 7.96 2.93
C HIS A 14 -1.16 7.23 3.98
N LEU A 15 -2.23 6.61 3.51
CA LEU A 15 -3.12 5.88 4.38
C LEU A 15 -2.33 5.29 5.55
N ARG A 16 -3.01 5.10 6.66
CA ARG A 16 -2.38 4.55 7.85
C ARG A 16 -2.53 3.03 7.87
N ALA A 17 -3.78 2.59 7.97
CA ALA A 17 -4.07 1.17 8.00
C ALA A 17 -3.13 0.43 7.05
N CYS A 18 -3.01 0.99 5.85
CA CYS A 18 -2.16 0.40 4.84
C CYS A 18 -0.70 0.78 5.15
N GLN A 19 -0.51 2.05 5.48
CA GLN A 19 0.81 2.55 5.80
C GLN A 19 1.62 1.47 6.50
N GLN A 20 0.93 0.66 7.30
CA GLN A 20 1.57 -0.41 8.03
C GLN A 20 2.60 -1.12 7.14
N TRP A 21 2.08 -1.76 6.11
CA TRP A 21 2.93 -2.48 5.17
C TRP A 21 3.65 -1.45 4.29
N ILE A 22 2.87 -0.83 3.42
CA ILE A 22 3.41 0.17 2.51
C ILE A 22 4.71 0.72 3.09
N ARG A 23 4.68 1.01 4.39
CA ARG A 23 5.85 1.53 5.07
C ARG A 23 6.74 0.38 5.57
N GLN A 24 6.15 -0.48 6.37
CA GLN A 24 6.87 -1.61 6.92
C GLN A 24 7.55 -2.39 5.79
N GLN A 25 6.86 -2.50 4.67
CA GLN A 25 7.39 -3.20 3.52
C GLN A 25 8.90 -2.97 3.39
N LEU A 26 9.29 -1.70 3.56
CA LEU A 26 10.68 -1.33 3.47
C LEU A 26 11.43 -1.89 4.68
N ALA A 27 10.87 -1.63 5.86
CA ALA A 27 11.49 -2.11 7.09
C ALA A 27 11.88 -3.58 6.92
N GLY A 28 12.96 -3.94 7.60
CA GLY A 28 13.46 -5.31 7.54
C GLY A 28 14.93 -5.37 7.93
N SER A 29 15.25 -4.73 9.05
CA SER A 29 16.62 -4.72 9.53
C SER A 29 16.67 -5.21 10.98
N PRO A 30 17.88 -5.72 11.37
CA PRO A 30 18.07 -6.23 12.71
C PRO A 30 18.18 -5.09 13.73
N PHE A 31 17.46 -5.26 14.83
CA PHE A 31 17.47 -4.25 15.88
C PHE A 31 17.20 -4.88 17.25
N GLN B 1 -1.92 -11.66 23.89
CA GLN B 1 -2.77 -11.04 24.91
C GLN B 1 -3.80 -10.12 24.24
N SER B 2 -3.30 -9.26 23.37
CA SER B 2 -4.16 -8.32 22.67
C SER B 2 -4.02 -8.52 21.15
N GLY B 3 -4.62 -9.59 20.67
CA GLY B 3 -4.58 -9.90 19.25
C GLY B 3 -5.88 -9.50 18.55
N PRO B 4 -5.84 -9.55 17.19
CA PRO B 4 -7.00 -9.18 16.40
C PRO B 4 -8.06 -10.28 16.45
N GLN B 5 -9.30 -9.86 16.58
CA GLN B 5 -10.42 -10.79 16.63
C GLN B 5 -10.60 -11.48 15.29
N GLN B 6 -10.74 -12.80 15.34
CA GLN B 6 -10.91 -13.59 14.13
C GLN B 6 -12.39 -13.66 13.77
N GLY B 7 -12.73 -12.98 12.68
CA GLY B 7 -14.10 -12.95 12.21
C GLY B 7 -14.32 -11.78 11.23
N PRO B 8 -14.35 -10.55 11.80
CA PRO B 8 -14.55 -9.36 11.00
C PRO B 8 -13.29 -9.02 10.21
N TRP B 9 -13.48 -8.26 9.13
CA TRP B 9 -12.38 -7.86 8.29
C TRP B 9 -12.43 -6.34 8.14
N LEU B 10 -11.81 -5.66 9.09
CA LEU B 10 -11.78 -4.21 9.08
C LEU B 10 -10.77 -3.73 8.03
N ARG B 11 -9.64 -4.41 7.99
CA ARG B 11 -8.60 -4.06 7.04
C ARG B 11 -9.22 -3.71 5.67
N GLU B 12 -10.19 -4.51 5.28
CA GLU B 12 -10.86 -4.29 4.02
C GLU B 12 -11.11 -2.80 3.79
N GLN B 13 -11.49 -2.12 4.88
CA GLN B 13 -11.76 -0.70 4.81
C GLN B 13 -10.67 0.01 4.01
N CYS B 14 -9.44 -0.43 4.23
CA CYS B 14 -8.30 0.15 3.55
C CYS B 14 -8.62 0.21 2.05
N CYS B 15 -8.68 -0.98 1.45
CA CYS B 15 -8.98 -1.09 0.03
C CYS B 15 -10.32 -0.39 -0.23
N ASN B 16 -11.29 -0.71 0.60
CA ASN B 16 -12.62 -0.13 0.46
C ASN B 16 -12.47 1.35 0.07
N GLU B 17 -11.44 1.98 0.61
CA GLU B 17 -11.19 3.37 0.33
C GLU B 17 -10.79 3.56 -1.14
N LEU B 18 -10.06 2.57 -1.66
CA LEU B 18 -9.60 2.61 -3.03
C LEU B 18 -10.81 2.38 -3.96
N TYR B 19 -11.58 1.36 -3.63
CA TYR B 19 -12.76 1.03 -4.42
C TYR B 19 -13.48 2.28 -4.89
N GLN B 20 -13.52 3.27 -4.00
CA GLN B 20 -14.18 4.53 -4.31
C GLN B 20 -13.49 5.22 -5.49
N GLU B 21 -12.17 5.09 -5.52
CA GLU B 21 -11.38 5.68 -6.58
C GLU B 21 -11.26 4.73 -7.77
N ASP B 22 -10.16 4.84 -8.48
CA ASP B 22 -9.91 3.99 -9.64
C ASP B 22 -8.43 3.61 -9.68
N GLN B 23 -7.97 3.28 -10.87
CA GLN B 23 -6.58 2.90 -11.07
C GLN B 23 -5.68 4.14 -10.99
N VAL B 24 -6.31 5.28 -10.81
CA VAL B 24 -5.59 6.53 -10.72
C VAL B 24 -4.43 6.37 -9.72
N CYS B 25 -4.75 5.76 -8.59
CA CYS B 25 -3.76 5.55 -7.56
C CYS B 25 -3.94 4.13 -7.01
N VAL B 26 -4.05 3.19 -7.93
CA VAL B 26 -4.22 1.79 -7.56
C VAL B 26 -2.86 1.19 -7.17
N CYS B 27 -2.07 0.91 -8.19
CA CYS B 27 -0.75 0.34 -7.96
C CYS B 27 0.29 1.44 -8.16
N PRO B 28 -0.20 2.61 -8.67
CA PRO B 28 0.67 3.74 -8.92
C PRO B 28 1.05 4.43 -7.61
N THR B 29 0.47 3.94 -6.53
CA THR B 29 0.74 4.50 -5.21
C THR B 29 2.02 3.92 -4.63
N LEU B 30 1.88 2.73 -4.05
CA LEU B 30 3.02 2.05 -3.46
C LEU B 30 4.27 2.34 -4.28
N LYS B 31 4.11 2.25 -5.59
CA LYS B 31 5.22 2.50 -6.50
C LYS B 31 6.00 3.72 -6.01
N GLN B 32 5.29 4.83 -5.85
CA GLN B 32 5.91 6.06 -5.39
C GLN B 32 6.00 6.07 -3.87
N ALA B 33 4.98 5.52 -3.24
CA ALA B 33 4.94 5.46 -1.78
C ALA B 33 6.17 4.71 -1.28
N ALA B 34 6.09 3.39 -1.29
CA ALA B 34 7.19 2.56 -0.84
C ALA B 34 8.52 3.26 -1.15
N LYS B 35 8.58 3.82 -2.34
CA LYS B 35 9.77 4.53 -2.77
C LYS B 35 10.32 5.35 -1.61
N SER B 36 9.75 6.53 -1.43
CA SER B 36 10.18 7.41 -0.36
C SER B 36 9.46 7.03 0.94
N VAL B 37 8.28 6.46 0.79
CA VAL B 37 7.49 6.05 1.94
C VAL B 37 8.41 5.93 3.16
N ARG B 38 9.15 4.84 3.18
CA ARG B 38 10.07 4.58 4.29
C ARG B 38 11.39 5.33 4.06
N VAL B 39 12.08 4.94 3.00
CA VAL B 39 13.35 5.55 2.66
C VAL B 39 13.10 6.73 1.72
N GLN B 40 12.71 7.85 2.30
CA GLN B 40 12.43 9.05 1.52
C GLN B 40 13.72 9.84 1.28
N GLY B 41 13.56 11.04 0.76
CA GLY B 41 14.70 11.90 0.48
C GLY B 41 15.61 11.28 -0.57
N GLN B 42 15.64 9.96 -0.58
CA GLN B 42 16.46 9.23 -1.54
C GLN B 42 16.32 7.72 -1.32
N HIS B 43 15.60 7.09 -2.24
CA HIS B 43 15.38 5.66 -2.16
C HIS B 43 16.70 4.92 -2.49
N GLY B 44 17.78 5.45 -1.97
CA GLY B 44 19.10 4.87 -2.19
C GLY B 44 18.98 3.36 -2.44
N PRO B 45 18.79 2.61 -1.33
CA PRO B 45 18.67 1.16 -1.42
C PRO B 45 17.29 0.76 -1.96
N PHE B 46 17.32 -0.10 -2.97
CA PHE B 46 16.09 -0.56 -3.59
C PHE B 46 15.89 -2.07 -3.36
N GLN B 47 14.67 -2.51 -3.57
CA GLN B 47 14.33 -3.92 -3.39
C GLN B 47 12.97 -4.22 -4.01
N SER B 48 12.06 -3.26 -3.90
CA SER B 48 10.73 -3.41 -4.43
C SER B 48 10.77 -3.42 -5.96
N THR B 49 11.67 -2.59 -6.49
CA THR B 49 11.82 -2.49 -7.93
C THR B 49 11.63 -3.85 -8.59
N ARG B 50 12.16 -4.88 -7.91
CA ARG B 50 12.04 -6.24 -8.42
C ARG B 50 10.59 -6.70 -8.39
N ILE B 51 9.99 -6.61 -7.21
CA ILE B 51 8.61 -7.01 -7.02
C ILE B 51 7.69 -5.94 -7.62
N TYR B 52 8.14 -4.70 -7.51
CA TYR B 52 7.37 -3.58 -8.03
C TYR B 52 6.60 -3.98 -9.29
N GLN B 53 7.25 -4.81 -10.09
CA GLN B 53 6.65 -5.27 -11.33
C GLN B 53 5.15 -5.50 -11.14
N ILE B 54 4.83 -6.37 -10.19
CA ILE B 54 3.44 -6.68 -9.90
C ILE B 54 2.90 -5.70 -8.87
N ALA B 55 3.12 -6.03 -7.60
CA ALA B 55 2.67 -5.19 -6.51
C ALA B 55 2.73 -5.97 -5.20
N LYS B 56 1.86 -5.60 -4.28
CA LYS B 56 1.81 -6.26 -2.98
C LYS B 56 0.83 -5.51 -2.08
N ASN B 57 -0.44 -5.86 -2.20
CA ASN B 57 -1.48 -5.23 -1.40
C ASN B 57 -1.07 -5.26 0.07
N LEU B 58 -0.80 -6.47 0.55
CA LEU B 58 -0.39 -6.65 1.93
C LEU B 58 0.30 -8.00 2.09
N PRO B 59 -0.42 -9.07 1.67
CA PRO B 59 -1.76 -8.90 1.12
C PRO B 59 -2.77 -8.61 2.23
N ASN B 60 -3.92 -8.11 1.81
CA ASN B 60 -4.98 -7.78 2.75
C ASN B 60 -5.76 -6.57 2.24
N VAL B 61 -5.03 -5.47 2.10
CA VAL B 61 -5.64 -4.23 1.63
C VAL B 61 -6.98 -4.54 0.95
N CYS B 62 -6.88 -5.24 -0.17
CA CYS B 62 -8.08 -5.62 -0.91
C CYS B 62 -8.35 -7.09 -0.67
N ASN B 63 -7.80 -7.93 -1.54
CA ASN B 63 -7.99 -9.36 -1.43
C ASN B 63 -8.80 -9.87 -2.62
N MET B 64 -8.80 -9.08 -3.68
CA MET B 64 -9.52 -9.43 -4.88
C MET B 64 -8.66 -9.22 -6.13
N LYS B 65 -8.34 -10.34 -6.77
CA LYS B 65 -7.52 -10.30 -7.97
C LYS B 65 -8.25 -9.50 -9.05
N GLN B 66 -9.47 -9.11 -8.73
CA GLN B 66 -10.28 -8.34 -9.66
C GLN B 66 -9.87 -6.87 -9.61
N ILE B 67 -9.35 -6.47 -8.47
CA ILE B 67 -8.91 -5.09 -8.28
C ILE B 67 -7.41 -5.00 -8.50
N GLY B 68 -6.67 -5.73 -7.68
CA GLY B 68 -5.23 -5.75 -7.78
C GLY B 68 -4.59 -5.63 -6.39
N THR B 69 -3.31 -6.02 -6.33
CA THR B 69 -2.58 -5.96 -5.08
C THR B 69 -1.75 -4.68 -5.00
N CYS B 70 -2.28 -3.71 -4.25
CA CYS B 70 -1.59 -2.44 -4.09
C CYS B 70 -2.45 -1.56 -3.16
N PRO B 71 -1.77 -0.56 -2.54
CA PRO B 71 -2.44 0.35 -1.64
C PRO B 71 -3.29 1.36 -2.41
N PHE B 72 -4.17 2.03 -1.68
CA PHE B 72 -5.05 3.02 -2.29
C PHE B 72 -4.53 4.44 -2.04
N ILE B 73 -5.36 5.41 -2.39
CA ILE B 73 -4.99 6.80 -2.22
C ILE B 73 -5.62 7.32 -0.93
N ALA B 74 -4.96 8.32 -0.35
CA ALA B 74 -5.44 8.92 0.89
C ALA B 74 -6.45 10.01 0.56
N ILE B 75 -7.04 10.57 1.62
CA ILE B 75 -8.02 11.63 1.46
C ILE B 75 -7.43 12.75 0.59
N GLN A 1 -0.77 8.32 -17.09
CA GLN A 1 0.08 8.99 -16.12
C GLN A 1 -0.66 10.19 -15.51
N PRO A 2 -1.76 9.88 -14.77
CA PRO A 2 -2.55 10.91 -14.14
C PRO A 2 -1.84 11.47 -12.90
N GLN A 3 -1.75 12.79 -12.86
CA GLN A 3 -1.09 13.45 -11.75
C GLN A 3 -2.00 13.42 -10.51
N LYS A 4 -3.28 13.62 -10.75
CA LYS A 4 -4.25 13.61 -9.67
C LYS A 4 -3.94 12.46 -8.70
N CYS A 5 -3.55 11.33 -9.29
CA CYS A 5 -3.21 10.16 -8.50
C CYS A 5 -2.05 10.52 -7.57
N GLN A 6 -0.87 10.62 -8.17
CA GLN A 6 0.32 10.96 -7.41
C GLN A 6 -0.01 11.99 -6.33
N ARG A 7 -0.86 12.93 -6.70
CA ARG A 7 -1.26 13.97 -5.77
C ARG A 7 -2.18 13.40 -4.69
N GLU A 8 -3.38 13.04 -5.11
CA GLU A 8 -4.36 12.48 -4.19
C GLU A 8 -3.67 11.56 -3.19
N PHE A 9 -2.84 10.66 -3.72
CA PHE A 9 -2.12 9.73 -2.87
C PHE A 9 -1.61 10.40 -1.60
N GLN A 10 -0.69 11.34 -1.78
CA GLN A 10 -0.12 12.06 -0.66
C GLN A 10 -1.09 13.16 -0.20
N GLN A 11 -1.54 13.95 -1.17
CA GLN A 11 -2.46 15.03 -0.88
C GLN A 11 -3.47 14.61 0.19
N GLU A 12 -3.87 13.35 0.12
CA GLU A 12 -4.82 12.80 1.06
C GLU A 12 -4.13 12.51 2.41
N GLN A 13 -3.66 11.28 2.54
CA GLN A 13 -2.98 10.87 3.75
C GLN A 13 -2.65 9.37 3.69
N HIS A 14 -1.70 9.04 2.84
CA HIS A 14 -1.28 7.66 2.68
C HIS A 14 -1.96 6.80 3.74
N LEU A 15 -2.56 5.71 3.28
CA LEU A 15 -3.24 4.79 4.17
C LEU A 15 -2.44 4.64 5.46
N ARG A 16 -3.08 4.06 6.46
CA ARG A 16 -2.43 3.85 7.74
C ARG A 16 -2.47 2.37 8.12
N ALA A 17 -3.66 1.91 8.48
CA ALA A 17 -3.84 0.52 8.85
C ALA A 17 -2.81 -0.35 8.12
N CYS A 18 -2.64 -0.05 6.85
CA CYS A 18 -1.69 -0.78 6.03
C CYS A 18 -0.28 -0.45 6.50
N GLN A 19 -0.15 0.74 7.08
CA GLN A 19 1.13 1.19 7.58
C GLN A 19 1.97 0.01 8.04
N GLN A 20 1.29 -1.00 8.57
CA GLN A 20 1.95 -2.19 9.05
C GLN A 20 2.83 -2.80 7.95
N TRP A 21 2.16 -3.42 6.99
CA TRP A 21 2.85 -4.04 5.87
C TRP A 21 3.75 -2.97 5.22
N ILE A 22 3.11 -2.03 4.56
CA ILE A 22 3.83 -0.96 3.88
C ILE A 22 5.14 -0.69 4.64
N ARG A 23 5.03 -0.67 5.95
CA ARG A 23 6.19 -0.42 6.79
C ARG A 23 6.99 -1.71 6.98
N GLN A 24 6.28 -2.77 7.32
CA GLN A 24 6.90 -4.06 7.54
C GLN A 24 7.89 -4.37 6.41
N GLN A 25 7.51 -3.96 5.21
CA GLN A 25 8.34 -4.18 4.04
C GLN A 25 9.82 -4.05 4.41
N LEU A 26 10.09 -3.08 5.27
CA LEU A 26 11.45 -2.84 5.72
C LEU A 26 12.12 -4.18 6.07
N ALA A 27 11.43 -4.95 6.90
CA ALA A 27 11.94 -6.24 7.31
C ALA A 27 12.15 -7.12 6.07
N GLY A 28 12.70 -8.30 6.32
CA GLY A 28 12.96 -9.24 5.24
C GLY A 28 13.33 -10.62 5.78
N SER A 29 14.60 -10.77 6.12
CA SER A 29 15.10 -12.03 6.65
C SER A 29 14.05 -12.63 7.60
N PRO A 30 13.29 -13.61 7.06
CA PRO A 30 12.26 -14.27 7.84
C PRO A 30 12.88 -15.27 8.83
N PHE A 31 12.30 -15.31 10.02
CA PHE A 31 12.78 -16.20 11.06
C PHE A 31 12.38 -17.65 10.77
N GLN B 1 -4.88 -24.66 9.79
CA GLN B 1 -5.83 -25.46 10.55
C GLN B 1 -7.07 -24.64 10.88
N SER B 2 -6.89 -23.32 10.91
CA SER B 2 -7.98 -22.42 11.21
C SER B 2 -7.55 -20.97 10.98
N GLY B 3 -8.40 -20.23 10.29
CA GLY B 3 -8.11 -18.84 10.00
C GLY B 3 -9.03 -17.91 10.78
N PRO B 4 -8.61 -16.62 10.88
CA PRO B 4 -9.38 -15.62 11.60
C PRO B 4 -10.61 -15.19 10.80
N GLN B 5 -11.73 -15.10 11.50
CA GLN B 5 -12.98 -14.70 10.86
C GLN B 5 -13.99 -14.22 11.91
N GLN B 6 -14.25 -12.93 11.89
CA GLN B 6 -15.18 -12.34 12.84
C GLN B 6 -15.33 -10.84 12.57
N GLY B 7 -16.57 -10.43 12.36
CA GLY B 7 -16.86 -9.03 12.10
C GLY B 7 -16.39 -8.62 10.70
N PRO B 8 -16.48 -7.30 10.42
CA PRO B 8 -16.07 -6.77 9.13
C PRO B 8 -14.54 -6.72 9.02
N TRP B 9 -14.07 -6.88 7.79
CA TRP B 9 -12.63 -6.86 7.54
C TRP B 9 -12.18 -5.40 7.51
N LEU B 10 -11.33 -5.06 8.46
CA LEU B 10 -10.81 -3.71 8.56
C LEU B 10 -9.85 -3.45 7.40
N ARG B 11 -9.06 -4.47 7.10
CA ARG B 11 -8.10 -4.36 6.01
C ARG B 11 -8.72 -3.62 4.81
N GLU B 12 -9.92 -4.03 4.48
CA GLU B 12 -10.63 -3.42 3.35
C GLU B 12 -10.75 -1.91 3.57
N GLN B 13 -11.06 -1.55 4.81
CA GLN B 13 -11.21 -0.14 5.15
C GLN B 13 -10.02 0.67 4.62
N CYS B 14 -8.84 0.05 4.70
CA CYS B 14 -7.63 0.70 4.23
C CYS B 14 -7.85 1.16 2.80
N CYS B 15 -8.02 0.18 1.91
CA CYS B 15 -8.24 0.48 0.51
C CYS B 15 -9.47 1.38 0.39
N ASN B 16 -10.52 0.98 1.09
CA ASN B 16 -11.76 1.76 1.07
C ASN B 16 -11.43 3.25 1.10
N GLU B 17 -10.37 3.57 1.82
CA GLU B 17 -9.93 4.95 1.94
C GLU B 17 -9.38 5.45 0.60
N LEU B 18 -8.60 4.59 -0.03
CA LEU B 18 -7.99 4.92 -1.31
C LEU B 18 -9.01 4.67 -2.43
N TYR B 19 -9.57 3.47 -2.42
CA TYR B 19 -10.55 3.09 -3.42
C TYR B 19 -11.51 4.25 -3.72
N GLN B 20 -11.91 4.93 -2.66
CA GLN B 20 -12.81 6.06 -2.79
C GLN B 20 -12.45 6.88 -4.03
N GLU B 21 -11.15 7.00 -4.27
CA GLU B 21 -10.66 7.75 -5.42
C GLU B 21 -11.20 7.15 -6.72
N ASP B 22 -10.29 6.97 -7.66
CA ASP B 22 -10.65 6.40 -8.95
C ASP B 22 -9.64 5.33 -9.34
N GLN B 23 -10.12 4.35 -10.10
CA GLN B 23 -9.26 3.27 -10.55
C GLN B 23 -7.91 3.81 -11.03
N VAL B 24 -7.93 5.07 -11.43
CA VAL B 24 -6.72 5.73 -11.90
C VAL B 24 -5.57 5.42 -10.95
N CYS B 25 -5.90 5.40 -9.66
CA CYS B 25 -4.90 5.12 -8.64
C CYS B 25 -5.11 3.69 -8.14
N VAL B 26 -4.99 2.75 -9.07
CA VAL B 26 -5.16 1.35 -8.74
C VAL B 26 -3.85 0.80 -8.18
N CYS B 27 -3.00 0.35 -9.09
CA CYS B 27 -1.71 -0.20 -8.69
C CYS B 27 -0.69 0.94 -8.67
N PRO B 28 -1.06 2.06 -9.35
CA PRO B 28 -0.19 3.22 -9.43
C PRO B 28 -0.17 3.98 -8.10
N THR B 29 -1.05 3.56 -7.20
CA THR B 29 -1.15 4.19 -5.90
C THR B 29 0.00 3.74 -5.00
N LEU B 30 0.05 2.44 -4.77
CA LEU B 30 1.10 1.87 -3.92
C LEU B 30 2.45 2.08 -4.60
N LYS B 31 2.60 1.47 -5.76
CA LYS B 31 3.84 1.57 -6.52
C LYS B 31 4.38 3.00 -6.39
N GLN B 32 3.46 3.95 -6.36
CA GLN B 32 3.83 5.35 -6.24
C GLN B 32 4.68 5.58 -5.00
N ALA B 33 4.24 4.96 -3.90
CA ALA B 33 4.96 5.08 -2.64
C ALA B 33 6.24 4.25 -2.70
N ALA B 34 6.09 3.00 -3.11
CA ALA B 34 7.23 2.10 -3.22
C ALA B 34 8.43 2.87 -3.76
N LYS B 35 8.17 3.69 -4.78
CA LYS B 35 9.21 4.48 -5.40
C LYS B 35 9.99 5.22 -4.31
N SER B 36 9.24 5.74 -3.35
CA SER B 36 9.85 6.48 -2.25
C SER B 36 10.33 5.51 -1.18
N VAL B 37 9.51 4.52 -0.90
CA VAL B 37 9.85 3.52 0.10
C VAL B 37 11.33 3.17 -0.02
N ARG B 38 11.65 2.40 -1.05
CA ARG B 38 13.02 1.98 -1.28
C ARG B 38 13.98 3.11 -0.91
N VAL B 39 14.21 4.00 -1.87
CA VAL B 39 15.10 5.12 -1.65
C VAL B 39 15.27 5.35 -0.15
N GLN B 40 16.42 4.93 0.36
CA GLN B 40 16.72 5.08 1.77
C GLN B 40 15.56 5.78 2.48
N GLY B 41 15.83 6.99 2.94
CA GLY B 41 14.82 7.76 3.65
C GLY B 41 14.20 6.95 4.79
N GLN B 42 13.07 6.33 4.49
CA GLN B 42 12.37 5.53 5.48
C GLN B 42 12.73 4.05 5.30
N HIS B 43 13.56 3.79 4.30
CA HIS B 43 13.96 2.42 4.02
C HIS B 43 15.47 2.41 3.70
N GLY B 44 16.26 2.70 4.72
CA GLY B 44 17.70 2.72 4.55
C GLY B 44 18.14 1.89 3.34
N PRO B 45 17.89 0.56 3.43
CA PRO B 45 18.25 -0.35 2.35
C PRO B 45 17.27 -0.21 1.18
N PHE B 46 17.74 -0.57 0.00
CA PHE B 46 16.93 -0.50 -1.19
C PHE B 46 16.44 -1.89 -1.60
N GLN B 47 15.18 -1.94 -2.01
CA GLN B 47 14.57 -3.19 -2.44
C GLN B 47 13.19 -2.94 -3.04
N SER B 48 13.11 -1.88 -3.83
CA SER B 48 11.86 -1.51 -4.48
C SER B 48 11.48 -2.58 -5.51
N THR B 49 12.39 -2.81 -6.45
CA THR B 49 12.16 -3.79 -7.48
C THR B 49 11.56 -5.07 -6.90
N ARG B 50 12.02 -5.40 -5.70
CA ARG B 50 11.52 -6.59 -5.02
C ARG B 50 10.12 -6.33 -4.46
N ILE B 51 10.09 -5.55 -3.40
CA ILE B 51 8.82 -5.22 -2.77
C ILE B 51 7.75 -5.02 -3.83
N TYR B 52 8.11 -4.28 -4.87
CA TYR B 52 7.20 -4.02 -5.96
C TYR B 52 6.35 -5.25 -6.29
N GLN B 53 7.04 -6.35 -6.55
CA GLN B 53 6.37 -7.60 -6.87
C GLN B 53 5.94 -8.31 -5.60
N ILE B 54 6.82 -8.30 -4.61
CA ILE B 54 6.54 -8.93 -3.34
C ILE B 54 5.08 -8.67 -2.95
N ALA B 55 4.87 -7.50 -2.37
CA ALA B 55 3.54 -7.10 -1.95
C ALA B 55 2.82 -6.41 -3.11
N LYS B 56 1.63 -5.92 -2.82
CA LYS B 56 0.83 -5.24 -3.83
C LYS B 56 -0.58 -4.98 -3.28
N ASN B 57 -0.85 -5.61 -2.15
CA ASN B 57 -2.15 -5.46 -1.50
C ASN B 57 -1.99 -5.62 0.01
N LEU B 58 -1.13 -6.55 0.38
CA LEU B 58 -0.88 -6.81 1.79
C LEU B 58 -0.23 -8.19 1.94
N PRO B 59 -0.84 -9.19 1.26
CA PRO B 59 -2.02 -8.94 0.45
C PRO B 59 -3.26 -8.74 1.33
N ASN B 60 -4.11 -7.82 0.90
CA ASN B 60 -5.33 -7.53 1.63
C ASN B 60 -5.85 -6.15 1.21
N VAL B 61 -5.04 -5.14 1.49
CA VAL B 61 -5.41 -3.78 1.13
C VAL B 61 -6.80 -3.78 0.49
N CYS B 62 -6.83 -4.12 -0.79
CA CYS B 62 -8.07 -4.16 -1.52
C CYS B 62 -8.52 -5.62 -1.63
N ASN B 63 -7.65 -6.42 -2.21
CA ASN B 63 -7.94 -7.84 -2.37
C ASN B 63 -8.61 -8.06 -3.73
N MET B 64 -8.42 -7.09 -4.62
CA MET B 64 -9.01 -7.17 -5.94
C MET B 64 -7.93 -7.21 -7.02
N LYS B 65 -7.55 -8.43 -7.39
CA LYS B 65 -6.53 -8.62 -8.39
C LYS B 65 -7.07 -8.18 -9.75
N GLN B 66 -8.30 -7.70 -9.74
CA GLN B 66 -8.95 -7.23 -10.95
C GLN B 66 -8.38 -5.88 -11.37
N ILE B 67 -8.39 -4.96 -10.43
CA ILE B 67 -7.87 -3.62 -10.69
C ILE B 67 -6.35 -3.68 -10.79
N GLY B 68 -5.71 -3.63 -9.63
CA GLY B 68 -4.25 -3.67 -9.57
C GLY B 68 -3.75 -3.54 -8.13
N THR B 69 -2.66 -4.23 -7.85
CA THR B 69 -2.08 -4.20 -6.52
C THR B 69 -0.58 -3.87 -6.60
N CYS B 70 -0.12 -3.13 -5.62
CA CYS B 70 1.28 -2.73 -5.57
C CYS B 70 1.60 -2.28 -4.14
N PRO B 71 2.93 -2.25 -3.84
CA PRO B 71 3.38 -1.84 -2.52
C PRO B 71 3.26 -0.32 -2.35
N PHE B 72 2.90 0.07 -1.15
CA PHE B 72 2.75 1.50 -0.84
C PHE B 72 3.28 1.81 0.56
N ILE B 73 3.42 3.10 0.83
CA ILE B 73 3.92 3.55 2.12
C ILE B 73 2.87 4.45 2.77
N ALA B 74 3.05 4.68 4.07
CA ALA B 74 2.14 5.52 4.82
C ALA B 74 2.92 6.69 5.43
N ILE B 75 3.69 6.37 6.47
CA ILE B 75 4.48 7.37 7.15
C ILE B 75 5.97 7.03 6.99
N GLN A 1 4.11 7.75 -15.66
CA GLN A 1 4.60 8.69 -14.67
C GLN A 1 3.61 9.83 -14.48
N PRO A 2 2.41 9.46 -13.94
CA PRO A 2 1.37 10.44 -13.70
C PRO A 2 1.69 11.29 -12.47
N GLN A 3 1.61 12.60 -12.65
CA GLN A 3 1.89 13.53 -11.57
C GLN A 3 0.68 13.63 -10.63
N LYS A 4 -0.50 13.65 -11.23
CA LYS A 4 -1.73 13.74 -10.46
C LYS A 4 -1.79 12.59 -9.46
N CYS A 5 -1.38 11.41 -9.94
CA CYS A 5 -1.38 10.23 -9.10
C CYS A 5 -0.46 10.48 -7.91
N GLN A 6 0.71 11.01 -8.22
CA GLN A 6 1.69 11.30 -7.19
C GLN A 6 1.15 12.36 -6.21
N ARG A 7 0.62 13.43 -6.78
CA ARG A 7 0.07 14.50 -5.98
C ARG A 7 -1.12 13.99 -5.16
N GLU A 8 -2.07 13.39 -5.87
CA GLU A 8 -3.26 12.85 -5.23
C GLU A 8 -2.89 12.20 -3.89
N PHE A 9 -1.85 11.39 -3.93
CA PHE A 9 -1.39 10.70 -2.74
C PHE A 9 -1.12 11.70 -1.61
N GLN A 10 -0.12 12.54 -1.83
CA GLN A 10 0.25 13.54 -0.84
C GLN A 10 -0.93 14.49 -0.58
N GLN A 11 -1.62 14.83 -1.66
CA GLN A 11 -2.76 15.73 -1.56
C GLN A 11 -3.55 15.44 -0.29
N GLU A 12 -3.72 14.15 -0.01
CA GLU A 12 -4.46 13.73 1.17
C GLU A 12 -3.51 13.61 2.37
N GLN A 13 -3.02 12.40 2.58
CA GLN A 13 -2.12 12.15 3.68
C GLN A 13 -1.77 10.65 3.75
N HIS A 14 -1.11 10.18 2.70
CA HIS A 14 -0.71 8.78 2.63
C HIS A 14 -1.27 8.04 3.84
N LEU A 15 -2.54 7.68 3.75
CA LEU A 15 -3.20 6.96 4.83
C LEU A 15 -2.19 6.03 5.50
N ARG A 16 -2.47 5.71 6.75
CA ARG A 16 -1.61 4.84 7.53
C ARG A 16 -1.88 3.38 7.17
N ALA A 17 -3.16 3.01 7.27
CA ALA A 17 -3.56 1.65 6.97
C ALA A 17 -2.78 1.13 5.77
N CYS A 18 -2.39 2.08 4.91
CA CYS A 18 -1.62 1.73 3.72
C CYS A 18 -0.19 1.44 4.14
N GLN A 19 0.30 2.24 5.07
CA GLN A 19 1.66 2.07 5.56
C GLN A 19 1.96 0.59 5.80
N GLN A 20 0.99 -0.08 6.40
CA GLN A 20 1.13 -1.51 6.70
C GLN A 20 1.31 -2.30 5.40
N TRP A 21 0.65 -1.81 4.35
CA TRP A 21 0.74 -2.46 3.05
C TRP A 21 2.14 -3.03 2.89
N ILE A 22 3.06 -2.13 2.56
CA ILE A 22 4.46 -2.52 2.37
C ILE A 22 5.12 -2.70 3.73
N ARG A 23 4.99 -1.68 4.56
CA ARG A 23 5.58 -1.72 5.90
C ARG A 23 5.44 -3.12 6.49
N GLN A 24 4.22 -3.63 6.46
CA GLN A 24 3.94 -4.95 6.99
C GLN A 24 4.88 -5.98 6.37
N GLN A 25 5.08 -5.87 5.07
CA GLN A 25 5.96 -6.78 4.36
C GLN A 25 7.42 -6.42 4.63
N LEU A 26 7.74 -5.16 4.40
CA LEU A 26 9.10 -4.68 4.62
C LEU A 26 9.66 -5.33 5.89
N ALA A 27 8.86 -5.30 6.94
CA ALA A 27 9.26 -5.87 8.21
C ALA A 27 9.30 -7.40 8.09
N GLY A 28 10.47 -7.95 8.39
CA GLY A 28 10.65 -9.39 8.32
C GLY A 28 11.84 -9.84 9.19
N SER A 29 11.56 -10.01 10.47
CA SER A 29 12.58 -10.43 11.41
C SER A 29 12.51 -11.95 11.62
N PRO A 30 13.69 -12.55 11.90
CA PRO A 30 13.77 -13.98 12.13
C PRO A 30 13.21 -14.35 13.50
N PHE A 31 12.33 -15.34 13.51
CA PHE A 31 11.72 -15.80 14.74
C PHE A 31 11.84 -17.32 14.90
N GLN B 1 -1.18 -16.29 18.20
CA GLN B 1 -0.37 -16.51 19.39
C GLN B 1 0.57 -15.32 19.61
N SER B 2 0.76 -14.55 18.55
CA SER B 2 1.62 -13.39 18.62
C SER B 2 1.10 -12.40 19.66
N GLY B 3 1.93 -12.16 20.66
CA GLY B 3 1.56 -11.24 21.74
C GLY B 3 0.10 -11.42 22.12
N PRO B 4 -0.47 -10.34 22.72
CA PRO B 4 -1.87 -10.35 23.15
C PRO B 4 -2.80 -10.22 21.95
N GLN B 5 -3.97 -10.84 22.07
CA GLN B 5 -4.96 -10.80 21.01
C GLN B 5 -5.22 -9.36 20.58
N GLN B 6 -5.13 -9.14 19.28
CA GLN B 6 -5.35 -7.81 18.74
C GLN B 6 -5.22 -7.82 17.21
N GLY B 7 -5.51 -6.69 16.61
CA GLY B 7 -5.43 -6.56 15.16
C GLY B 7 -6.71 -5.94 14.59
N PRO B 8 -6.72 -4.57 14.58
CA PRO B 8 -7.86 -3.85 14.05
C PRO B 8 -7.91 -3.91 12.53
N TRP B 9 -9.12 -3.84 12.00
CA TRP B 9 -9.33 -3.90 10.56
C TRP B 9 -9.09 -2.48 10.01
N LEU B 10 -7.88 -2.00 10.21
CA LEU B 10 -7.52 -0.68 9.74
C LEU B 10 -7.24 -0.74 8.23
N ARG B 11 -6.49 -1.75 7.85
CA ARG B 11 -6.14 -1.93 6.44
C ARG B 11 -7.39 -1.79 5.57
N GLU B 12 -8.47 -2.39 6.04
CA GLU B 12 -9.73 -2.35 5.32
C GLU B 12 -10.04 -0.92 4.88
N GLN B 13 -9.75 0.02 5.78
CA GLN B 13 -9.99 1.42 5.50
C GLN B 13 -9.42 1.80 4.13
N CYS B 14 -8.12 1.60 4.00
CA CYS B 14 -7.43 1.91 2.76
C CYS B 14 -8.17 1.22 1.61
N CYS B 15 -8.51 -0.04 1.84
CA CYS B 15 -9.22 -0.82 0.84
C CYS B 15 -10.55 -0.13 0.55
N ASN B 16 -11.16 0.36 1.61
CA ASN B 16 -12.44 1.05 1.48
C ASN B 16 -12.23 2.39 0.78
N GLU B 17 -11.12 3.03 1.13
CA GLU B 17 -10.79 4.31 0.55
C GLU B 17 -10.59 4.18 -0.97
N LEU B 18 -9.74 3.24 -1.34
CA LEU B 18 -9.45 3.00 -2.74
C LEU B 18 -10.74 2.53 -3.45
N TYR B 19 -11.45 1.66 -2.77
CA TYR B 19 -12.70 1.13 -3.31
C TYR B 19 -13.63 2.25 -3.75
N GLN B 20 -13.69 3.28 -2.91
CA GLN B 20 -14.54 4.42 -3.20
C GLN B 20 -13.88 5.33 -4.25
N GLU B 21 -12.55 5.33 -4.23
CA GLU B 21 -11.79 6.14 -5.16
C GLU B 21 -11.69 5.43 -6.51
N ASP B 22 -10.60 5.70 -7.21
CA ASP B 22 -10.37 5.10 -8.52
C ASP B 22 -9.04 4.35 -8.51
N GLN B 23 -9.11 3.07 -8.78
CA GLN B 23 -7.92 2.24 -8.81
C GLN B 23 -6.81 2.91 -9.63
N VAL B 24 -7.22 3.92 -10.38
CA VAL B 24 -6.29 4.65 -11.22
C VAL B 24 -4.93 4.72 -10.53
N CYS B 25 -4.98 4.97 -9.22
CA CYS B 25 -3.76 5.05 -8.43
C CYS B 25 -3.82 3.99 -7.34
N VAL B 26 -4.01 2.75 -7.77
CA VAL B 26 -4.09 1.64 -6.84
C VAL B 26 -2.72 0.96 -6.75
N CYS B 27 -2.34 0.33 -7.85
CA CYS B 27 -1.05 -0.36 -7.91
C CYS B 27 0.05 0.68 -8.07
N PRO B 28 -0.31 1.79 -8.77
CA PRO B 28 0.64 2.88 -9.00
C PRO B 28 0.84 3.70 -7.73
N THR B 29 0.10 3.34 -6.69
CA THR B 29 0.18 4.04 -5.42
C THR B 29 1.30 3.45 -4.57
N LEU B 30 1.07 2.22 -4.12
CA LEU B 30 2.05 1.54 -3.29
C LEU B 30 3.45 2.03 -3.65
N LYS B 31 3.75 1.96 -4.95
CA LYS B 31 5.05 2.40 -5.44
C LYS B 31 5.50 3.62 -4.65
N GLN B 32 4.57 4.54 -4.45
CA GLN B 32 4.86 5.76 -3.72
C GLN B 32 4.88 5.48 -2.21
N ALA B 33 3.72 5.07 -1.70
CA ALA B 33 3.59 4.77 -0.29
C ALA B 33 4.76 3.89 0.16
N ALA B 34 5.00 2.85 -0.63
CA ALA B 34 6.08 1.93 -0.34
C ALA B 34 7.33 2.71 0.06
N LYS B 35 7.70 3.65 -0.81
CA LYS B 35 8.87 4.47 -0.55
C LYS B 35 8.68 5.24 0.76
N SER B 36 7.73 6.16 0.75
CA SER B 36 7.44 6.95 1.92
C SER B 36 7.17 6.04 3.12
N VAL B 37 6.50 4.93 2.83
CA VAL B 37 6.16 3.97 3.87
C VAL B 37 7.31 3.90 4.89
N ARG B 38 8.22 2.97 4.65
CA ARG B 38 9.36 2.80 5.54
C ARG B 38 10.62 3.38 4.89
N VAL B 39 11.17 2.62 3.96
CA VAL B 39 12.37 3.05 3.26
C VAL B 39 12.92 4.33 3.91
N GLN B 40 14.10 4.21 4.47
CA GLN B 40 14.74 5.34 5.13
C GLN B 40 16.11 4.94 5.67
N GLY B 41 16.24 4.97 6.99
CA GLY B 41 17.49 4.61 7.64
C GLY B 41 17.79 3.12 7.48
N GLN B 42 17.21 2.34 8.37
CA GLN B 42 17.40 0.90 8.33
C GLN B 42 17.08 0.35 6.94
N HIS B 43 16.52 1.22 6.12
CA HIS B 43 16.17 0.84 4.76
C HIS B 43 16.64 1.92 3.77
N GLY B 44 17.94 2.17 3.81
CA GLY B 44 18.53 3.17 2.94
C GLY B 44 18.72 2.62 1.52
N PRO B 45 18.89 1.28 1.45
CA PRO B 45 19.09 0.62 0.17
C PRO B 45 17.77 0.52 -0.60
N PHE B 46 17.81 0.97 -1.84
CA PHE B 46 16.63 0.94 -2.69
C PHE B 46 16.64 -0.28 -3.60
N GLN B 47 15.46 -0.84 -3.81
CA GLN B 47 15.32 -2.01 -4.66
C GLN B 47 13.85 -2.25 -5.01
N SER B 48 13.02 -1.29 -4.60
CA SER B 48 11.59 -1.39 -4.86
C SER B 48 11.29 -0.90 -6.27
N THR B 49 12.01 0.13 -6.68
CA THR B 49 11.83 0.71 -8.00
C THR B 49 11.57 -0.40 -9.03
N ARG B 50 12.32 -1.48 -8.88
CA ARG B 50 12.20 -2.61 -9.79
C ARG B 50 10.93 -3.41 -9.46
N ILE B 51 10.95 -4.05 -8.31
CA ILE B 51 9.83 -4.85 -7.86
C ILE B 51 8.56 -4.00 -7.92
N TYR B 52 8.73 -2.71 -7.63
CA TYR B 52 7.61 -1.80 -7.64
C TYR B 52 6.57 -2.19 -8.70
N GLN B 53 6.87 -1.82 -9.94
CA GLN B 53 5.98 -2.14 -11.05
C GLN B 53 5.40 -3.54 -10.87
N ILE B 54 6.22 -4.42 -10.34
CA ILE B 54 5.79 -5.80 -10.11
C ILE B 54 4.97 -5.88 -8.82
N ALA B 55 5.41 -5.11 -7.84
CA ALA B 55 4.73 -5.08 -6.56
C ALA B 55 3.69 -6.21 -6.51
N LYS B 56 2.80 -6.10 -5.54
CA LYS B 56 1.75 -7.10 -5.38
C LYS B 56 1.02 -6.86 -4.05
N ASN B 57 -0.30 -6.84 -4.13
CA ASN B 57 -1.13 -6.63 -2.96
C ASN B 57 -0.24 -6.63 -1.72
N LEU B 58 0.52 -7.71 -1.57
CA LEU B 58 1.42 -7.85 -0.43
C LEU B 58 2.31 -9.08 -0.65
N PRO B 59 1.65 -10.26 -0.79
CA PRO B 59 0.20 -10.31 -0.74
C PRO B 59 -0.31 -10.16 0.70
N ASN B 60 -1.56 -9.70 0.81
CA ASN B 60 -2.17 -9.51 2.11
C ASN B 60 -3.27 -8.46 2.00
N VAL B 61 -2.86 -7.21 2.12
CA VAL B 61 -3.80 -6.10 2.03
C VAL B 61 -5.24 -6.65 2.02
N CYS B 62 -5.81 -6.71 0.83
CA CYS B 62 -7.15 -7.20 0.67
C CYS B 62 -7.10 -8.50 -0.13
N ASN B 63 -6.33 -8.46 -1.21
CA ASN B 63 -6.19 -9.62 -2.06
C ASN B 63 -7.36 -9.68 -3.05
N MET B 64 -7.99 -8.53 -3.24
CA MET B 64 -9.12 -8.43 -4.13
C MET B 64 -8.79 -9.03 -5.50
N LYS B 65 -8.87 -10.35 -5.58
CA LYS B 65 -8.57 -11.05 -6.81
C LYS B 65 -9.70 -10.81 -7.81
N GLN B 66 -10.70 -10.07 -7.35
CA GLN B 66 -11.84 -9.75 -8.19
C GLN B 66 -11.80 -8.28 -8.63
N ILE B 67 -11.35 -7.44 -7.71
CA ILE B 67 -11.25 -6.02 -7.98
C ILE B 67 -9.85 -5.69 -8.49
N GLY B 68 -8.87 -5.96 -7.63
CA GLY B 68 -7.48 -5.69 -7.98
C GLY B 68 -6.54 -6.16 -6.86
N THR B 69 -5.25 -5.95 -7.09
CA THR B 69 -4.24 -6.34 -6.12
C THR B 69 -3.76 -5.12 -5.34
N CYS B 70 -2.44 -4.94 -5.36
CA CYS B 70 -1.84 -3.82 -4.66
C CYS B 70 -2.81 -2.64 -4.72
N PRO B 71 -3.88 -2.74 -3.89
CA PRO B 71 -4.89 -1.68 -3.85
C PRO B 71 -4.37 -0.47 -3.07
N PHE B 72 -5.02 0.66 -3.31
CA PHE B 72 -4.63 1.89 -2.65
C PHE B 72 -5.43 3.08 -3.19
N ILE B 73 -5.43 4.16 -2.42
CA ILE B 73 -6.15 5.36 -2.81
C ILE B 73 -5.15 6.48 -3.06
N ALA B 74 -5.55 7.42 -3.92
CA ALA B 74 -4.70 8.55 -4.25
C ALA B 74 -5.40 9.84 -3.82
N ILE B 75 -6.41 10.21 -4.59
CA ILE B 75 -7.17 11.41 -4.31
C ILE B 75 -7.41 11.52 -2.79
N GLN A 1 1.88 10.51 -17.11
CA GLN A 1 1.04 9.83 -16.14
C GLN A 1 0.25 10.83 -15.32
N PRO A 2 -0.88 10.34 -14.75
CA PRO A 2 -1.74 11.19 -13.93
C PRO A 2 -1.11 11.44 -12.56
N GLN A 3 -1.05 12.71 -12.19
CA GLN A 3 -0.47 13.10 -10.92
C GLN A 3 -1.50 12.91 -9.80
N LYS A 4 -2.74 13.30 -10.10
CA LYS A 4 -3.81 13.18 -9.13
C LYS A 4 -3.75 11.80 -8.48
N CYS A 5 -3.41 10.81 -9.28
CA CYS A 5 -3.31 9.44 -8.80
C CYS A 5 -2.46 9.44 -7.53
N GLN A 6 -1.18 9.71 -7.73
CA GLN A 6 -0.25 9.74 -6.62
C GLN A 6 -0.51 10.97 -5.73
N ARG A 7 -0.54 12.12 -6.38
CA ARG A 7 -0.78 13.36 -5.67
C ARG A 7 -1.87 13.17 -4.61
N GLU A 8 -2.91 12.44 -5.00
CA GLU A 8 -4.01 12.18 -4.10
C GLU A 8 -3.55 11.32 -2.92
N PHE A 9 -3.46 10.02 -3.17
CA PHE A 9 -3.02 9.08 -2.15
C PHE A 9 -1.90 9.69 -1.30
N GLN A 10 -1.11 10.53 -1.94
CA GLN A 10 0.00 11.17 -1.25
C GLN A 10 -0.50 12.40 -0.48
N GLN A 11 -1.40 13.13 -1.12
CA GLN A 11 -1.96 14.32 -0.50
C GLN A 11 -3.10 13.95 0.45
N GLU A 12 -3.86 12.94 0.04
CA GLU A 12 -4.98 12.48 0.85
C GLU A 12 -4.55 12.32 2.30
N GLN A 13 -3.95 11.17 2.60
CA GLN A 13 -3.49 10.89 3.95
C GLN A 13 -2.85 9.51 4.00
N HIS A 14 -1.94 9.26 3.08
CA HIS A 14 -1.25 7.98 3.02
C HIS A 14 -1.78 7.07 4.12
N LEU A 15 -2.76 6.26 3.75
CA LEU A 15 -3.36 5.33 4.69
C LEU A 15 -2.26 4.70 5.55
N ARG A 16 -2.66 4.24 6.72
CA ARG A 16 -1.73 3.62 7.65
C ARG A 16 -2.04 2.14 7.80
N ALA A 17 -3.34 1.84 7.86
CA ALA A 17 -3.78 0.46 8.01
C ALA A 17 -2.86 -0.46 7.21
N CYS A 18 -2.41 0.05 6.07
CA CYS A 18 -1.54 -0.71 5.19
C CYS A 18 -0.11 -0.56 5.72
N GLN A 19 0.17 0.59 6.29
CA GLN A 19 1.49 0.86 6.85
C GLN A 19 2.11 -0.43 7.41
N GLN A 20 1.23 -1.32 7.85
CA GLN A 20 1.66 -2.59 8.41
C GLN A 20 2.79 -3.18 7.57
N TRP A 21 2.40 -3.87 6.50
CA TRP A 21 3.36 -4.49 5.61
C TRP A 21 4.04 -3.38 4.80
N ILE A 22 3.22 -2.65 4.05
CA ILE A 22 3.73 -1.57 3.23
C ILE A 22 5.07 -1.10 3.79
N ARG A 23 5.07 -0.80 5.08
CA ARG A 23 6.27 -0.34 5.75
C ARG A 23 7.14 -1.52 6.14
N GLN A 24 6.54 -2.47 6.84
CA GLN A 24 7.25 -3.66 7.29
C GLN A 24 8.01 -4.28 6.11
N GLN A 25 7.30 -4.44 5.00
CA GLN A 25 7.89 -5.02 3.81
C GLN A 25 9.25 -4.39 3.53
N LEU A 26 9.24 -3.07 3.36
CA LEU A 26 10.47 -2.34 3.09
C LEU A 26 11.55 -2.80 4.06
N ALA A 27 11.19 -2.82 5.33
CA ALA A 27 12.12 -3.23 6.37
C ALA A 27 12.81 -4.54 5.95
N GLY A 28 14.03 -4.39 5.46
CA GLY A 28 14.80 -5.54 5.01
C GLY A 28 15.94 -5.84 5.98
N SER A 29 15.88 -7.02 6.59
CA SER A 29 16.89 -7.44 7.53
C SER A 29 18.28 -7.15 6.97
N PRO A 30 19.28 -7.02 7.89
CA PRO A 30 20.64 -6.75 7.49
C PRO A 30 21.31 -8.00 6.91
N PHE A 31 22.29 -7.76 6.05
CA PHE A 31 23.02 -8.86 5.43
C PHE A 31 23.45 -9.90 6.46
N GLN B 1 0.91 -8.85 18.31
CA GLN B 1 0.04 -10.00 18.45
C GLN B 1 -1.41 -9.56 18.61
N SER B 2 -2.25 -10.54 18.92
CA SER B 2 -3.68 -10.26 19.10
C SER B 2 -3.93 -9.74 20.51
N GLY B 3 -5.14 -9.23 20.72
CA GLY B 3 -5.51 -8.70 22.02
C GLY B 3 -6.96 -8.20 22.00
N PRO B 4 -7.23 -7.19 21.13
CA PRO B 4 -8.56 -6.63 21.01
C PRO B 4 -9.49 -7.58 20.24
N GLN B 5 -10.72 -7.67 20.73
CA GLN B 5 -11.70 -8.53 20.10
C GLN B 5 -12.07 -8.00 18.72
N GLN B 6 -11.66 -8.75 17.70
CA GLN B 6 -11.93 -8.37 16.33
C GLN B 6 -13.42 -8.11 16.13
N GLY B 7 -13.78 -7.71 14.92
CA GLY B 7 -15.17 -7.43 14.59
C GLY B 7 -15.27 -6.54 13.36
N PRO B 8 -14.95 -5.24 13.57
CA PRO B 8 -15.00 -4.26 12.48
C PRO B 8 -13.81 -4.44 11.53
N TRP B 9 -14.07 -4.14 10.27
CA TRP B 9 -13.03 -4.27 9.25
C TRP B 9 -12.56 -2.86 8.89
N LEU B 10 -11.60 -2.37 9.67
CA LEU B 10 -11.07 -1.03 9.44
C LEU B 10 -10.21 -1.05 8.17
N ARG B 11 -9.43 -2.12 8.03
CA ARG B 11 -8.56 -2.26 6.88
C ARG B 11 -9.30 -1.81 5.60
N GLU B 12 -10.54 -2.23 5.49
CA GLU B 12 -11.35 -1.88 4.34
C GLU B 12 -11.12 -0.42 3.96
N GLN B 13 -11.11 0.43 4.99
CA GLN B 13 -10.90 1.86 4.79
C GLN B 13 -9.70 2.09 3.86
N CYS B 14 -8.65 1.30 4.09
CA CYS B 14 -7.45 1.42 3.29
C CYS B 14 -7.84 1.33 1.81
N CYS B 15 -8.65 0.33 1.50
CA CYS B 15 -9.11 0.13 0.14
C CYS B 15 -10.04 1.27 -0.23
N ASN B 16 -11.13 1.39 0.52
CA ASN B 16 -12.10 2.44 0.27
C ASN B 16 -11.37 3.74 -0.08
N GLU B 17 -10.26 3.97 0.62
CA GLU B 17 -9.46 5.16 0.39
C GLU B 17 -8.81 5.10 -0.99
N LEU B 18 -8.39 3.91 -1.36
CA LEU B 18 -7.74 3.71 -2.65
C LEU B 18 -8.81 3.64 -3.74
N TYR B 19 -9.87 2.90 -3.45
CA TYR B 19 -10.97 2.75 -4.39
C TYR B 19 -11.64 4.09 -4.68
N GLN B 20 -12.00 4.78 -3.61
CA GLN B 20 -12.64 6.07 -3.74
C GLN B 20 -12.01 6.86 -4.89
N GLU B 21 -10.70 6.73 -5.02
CA GLU B 21 -9.97 7.42 -6.07
C GLU B 21 -10.08 6.65 -7.38
N ASP B 22 -8.98 6.66 -8.13
CA ASP B 22 -8.93 5.96 -9.40
C ASP B 22 -7.93 4.80 -9.30
N GLN B 23 -8.44 3.61 -9.53
CA GLN B 23 -7.62 2.42 -9.48
C GLN B 23 -6.32 2.64 -10.24
N VAL B 24 -6.32 3.68 -11.07
CA VAL B 24 -5.16 4.01 -11.86
C VAL B 24 -3.89 3.76 -11.03
N CYS B 25 -4.04 3.94 -9.73
CA CYS B 25 -2.93 3.74 -8.81
C CYS B 25 -2.75 2.24 -8.59
N VAL B 26 -2.93 1.49 -9.67
CA VAL B 26 -2.81 0.04 -9.61
C VAL B 26 -1.66 -0.32 -8.66
N CYS B 27 -0.46 -0.34 -9.22
CA CYS B 27 0.73 -0.67 -8.44
C CYS B 27 1.74 0.46 -8.61
N PRO B 28 1.31 1.52 -9.34
CA PRO B 28 2.18 2.66 -9.59
C PRO B 28 2.30 3.53 -8.33
N THR B 29 1.46 3.23 -7.35
CA THR B 29 1.47 3.98 -6.11
C THR B 29 2.55 3.43 -5.17
N LEU B 30 2.26 2.27 -4.60
CA LEU B 30 3.18 1.63 -3.68
C LEU B 30 4.62 1.90 -4.15
N LYS B 31 4.79 1.85 -5.46
CA LYS B 31 6.10 2.08 -6.06
C LYS B 31 6.79 3.23 -5.32
N GLN B 32 6.17 4.40 -5.38
CA GLN B 32 6.71 5.56 -4.73
C GLN B 32 6.32 5.59 -3.25
N ALA B 33 5.09 5.16 -3.00
CA ALA B 33 4.58 5.13 -1.65
C ALA B 33 5.57 4.40 -0.74
N ALA B 34 5.72 3.11 -1.01
CA ALA B 34 6.64 2.28 -0.25
C ALA B 34 8.01 2.96 -0.19
N LYS B 35 8.63 3.04 -1.36
CA LYS B 35 9.94 3.66 -1.47
C LYS B 35 10.03 4.83 -0.49
N SER B 36 8.92 5.57 -0.41
CA SER B 36 8.86 6.72 0.48
C SER B 36 8.46 6.28 1.88
N VAL B 37 7.52 5.33 1.93
CA VAL B 37 7.06 4.82 3.20
C VAL B 37 8.19 4.86 4.23
N ARG B 38 9.01 3.82 4.20
CA ARG B 38 10.14 3.72 5.11
C ARG B 38 11.40 4.31 4.46
N VAL B 39 11.86 3.62 3.43
CA VAL B 39 13.05 4.06 2.72
C VAL B 39 12.78 5.41 2.06
N GLN B 40 13.81 5.93 1.40
CA GLN B 40 13.70 7.21 0.73
C GLN B 40 15.04 7.61 0.12
N GLY B 41 15.96 7.95 0.99
CA GLY B 41 17.30 8.35 0.55
C GLY B 41 18.07 7.16 -0.02
N GLN B 42 18.29 6.17 0.83
CA GLN B 42 19.01 4.98 0.42
C GLN B 42 18.25 4.24 -0.68
N HIS B 43 17.04 4.74 -0.95
CA HIS B 43 16.21 4.15 -1.98
C HIS B 43 16.23 5.03 -3.23
N GLY B 44 17.43 5.43 -3.62
CA GLY B 44 17.60 6.26 -4.79
C GLY B 44 17.15 5.53 -6.06
N PRO B 45 17.59 4.24 -6.15
CA PRO B 45 17.24 3.42 -7.30
C PRO B 45 15.78 2.97 -7.24
N PHE B 46 15.07 3.20 -8.34
CA PHE B 46 13.67 2.84 -8.42
C PHE B 46 13.49 1.53 -9.19
N GLN B 47 14.58 0.78 -9.28
CA GLN B 47 14.56 -0.49 -10.00
C GLN B 47 13.35 -1.33 -9.56
N SER B 48 12.76 -0.92 -8.44
CA SER B 48 11.61 -1.62 -7.90
C SER B 48 10.37 -1.29 -8.73
N THR B 49 10.31 -0.05 -9.19
CA THR B 49 9.18 0.40 -9.99
C THR B 49 8.67 -0.74 -10.86
N ARG B 50 9.59 -1.53 -11.37
CA ARG B 50 9.24 -2.66 -12.22
C ARG B 50 8.79 -3.85 -11.37
N ILE B 51 9.68 -4.29 -10.51
CA ILE B 51 9.40 -5.41 -9.63
C ILE B 51 8.20 -5.06 -8.74
N TYR B 52 8.21 -3.84 -8.25
CA TYR B 52 7.13 -3.36 -7.39
C TYR B 52 5.80 -4.02 -7.77
N GLN B 53 5.59 -4.17 -9.07
CA GLN B 53 4.38 -4.77 -9.57
C GLN B 53 3.95 -5.94 -8.67
N ILE B 54 4.96 -6.65 -8.18
CA ILE B 54 4.71 -7.78 -7.31
C ILE B 54 4.01 -7.30 -6.03
N ALA B 55 4.69 -6.41 -5.33
CA ALA B 55 4.15 -5.86 -4.09
C ALA B 55 2.96 -6.72 -3.64
N LYS B 56 2.11 -6.11 -2.83
CA LYS B 56 0.94 -6.81 -2.31
C LYS B 56 0.33 -5.99 -1.18
N ASN B 57 -0.90 -5.52 -1.44
CA ASN B 57 -1.60 -4.72 -0.45
C ASN B 57 -1.27 -5.23 0.95
N LEU B 58 -1.00 -6.52 1.04
CA LEU B 58 -0.67 -7.13 2.31
C LEU B 58 0.04 -8.48 2.05
N PRO B 59 -0.65 -9.35 1.27
CA PRO B 59 -1.96 -9.00 0.73
C PRO B 59 -3.03 -9.07 1.82
N ASN B 60 -4.17 -8.47 1.51
CA ASN B 60 -5.28 -8.46 2.45
C ASN B 60 -6.23 -7.31 2.10
N VAL B 61 -5.71 -6.10 2.21
CA VAL B 61 -6.49 -4.91 1.90
C VAL B 61 -7.96 -5.32 1.71
N CYS B 62 -8.48 -4.95 0.54
CA CYS B 62 -9.87 -5.27 0.22
C CYS B 62 -9.98 -6.77 0.02
N ASN B 63 -9.80 -7.19 -1.23
CA ASN B 63 -9.88 -8.61 -1.56
C ASN B 63 -10.45 -8.76 -2.97
N MET B 64 -9.77 -8.13 -3.92
CA MET B 64 -10.20 -8.18 -5.31
C MET B 64 -9.00 -8.29 -6.25
N LYS B 65 -8.84 -9.48 -6.82
CA LYS B 65 -7.75 -9.73 -7.74
C LYS B 65 -8.02 -9.01 -9.05
N GLN B 66 -9.15 -8.32 -9.10
CA GLN B 66 -9.54 -7.58 -10.29
C GLN B 66 -8.75 -6.28 -10.39
N ILE B 67 -8.34 -5.79 -9.23
CA ILE B 67 -7.58 -4.56 -9.16
C ILE B 67 -6.09 -4.88 -8.99
N GLY B 68 -5.79 -5.54 -7.89
CA GLY B 68 -4.41 -5.92 -7.60
C GLY B 68 -4.05 -5.58 -6.15
N THR B 69 -3.03 -6.26 -5.65
CA THR B 69 -2.57 -6.04 -4.29
C THR B 69 -1.24 -5.29 -4.29
N CYS B 70 -1.25 -4.11 -3.69
CA CYS B 70 -0.06 -3.29 -3.60
C CYS B 70 -0.27 -2.25 -2.50
N PRO B 71 0.88 -1.82 -1.90
CA PRO B 71 0.84 -0.84 -0.84
C PRO B 71 0.56 0.56 -1.40
N PHE B 72 -0.45 1.20 -0.82
CA PHE B 72 -0.82 2.54 -1.24
C PHE B 72 -0.63 3.55 -0.10
N ILE B 73 0.61 3.64 0.35
CA ILE B 73 0.94 4.56 1.43
C ILE B 73 2.40 5.00 1.27
N ALA B 74 2.64 6.26 1.61
CA ALA B 74 3.98 6.82 1.52
C ALA B 74 4.43 7.28 2.90
N ILE B 75 4.69 8.57 3.01
CA ILE B 75 5.12 9.16 4.26
C ILE B 75 4.13 10.22 4.71
N GLN A 1 0.98 9.41 -17.17
CA GLN A 1 1.81 9.90 -16.09
C GLN A 1 1.16 11.11 -15.41
N PRO A 2 0.00 10.84 -14.76
CA PRO A 2 -0.74 11.88 -14.07
C PRO A 2 -0.05 12.27 -12.76
N GLN A 3 0.16 13.57 -12.60
CA GLN A 3 0.80 14.08 -11.40
C GLN A 3 -0.17 14.04 -10.21
N LYS A 4 -1.33 14.64 -10.43
CA LYS A 4 -2.34 14.69 -9.39
C LYS A 4 -2.48 13.30 -8.76
N CYS A 5 -2.45 12.29 -9.62
CA CYS A 5 -2.58 10.91 -9.16
C CYS A 5 -1.52 10.68 -8.07
N GLN A 6 -0.27 10.84 -8.46
CA GLN A 6 0.83 10.65 -7.53
C GLN A 6 0.77 11.69 -6.41
N ARG A 7 0.80 12.95 -6.82
CA ARG A 7 0.75 14.05 -5.87
C ARG A 7 -0.28 13.76 -4.78
N GLU A 8 -1.53 13.65 -5.20
CA GLU A 8 -2.60 13.38 -4.27
C GLU A 8 -2.14 12.42 -3.18
N PHE A 9 -1.30 11.47 -3.59
CA PHE A 9 -0.78 10.49 -2.67
C PHE A 9 -0.12 11.15 -1.46
N GLN A 10 1.02 11.78 -1.70
CA GLN A 10 1.75 12.47 -0.65
C GLN A 10 1.03 13.76 -0.27
N GLN A 11 0.51 14.44 -1.29
CA GLN A 11 -0.20 15.69 -1.08
C GLN A 11 -1.00 15.63 0.22
N GLU A 12 -1.64 14.48 0.43
CA GLU A 12 -2.45 14.28 1.63
C GLU A 12 -1.59 13.70 2.75
N GLN A 13 -1.59 12.39 2.85
CA GLN A 13 -0.83 11.71 3.86
C GLN A 13 -1.03 10.19 3.76
N HIS A 14 -0.43 9.62 2.73
CA HIS A 14 -0.54 8.18 2.50
C HIS A 14 -1.32 7.54 3.65
N LEU A 15 -2.18 6.60 3.29
CA LEU A 15 -3.00 5.90 4.26
C LEU A 15 -2.09 5.29 5.34
N ARG A 16 -2.71 4.59 6.27
CA ARG A 16 -1.98 3.96 7.35
C ARG A 16 -2.12 2.44 7.28
N ALA A 17 -3.36 1.99 7.46
CA ALA A 17 -3.66 0.57 7.42
C ALA A 17 -2.86 -0.08 6.28
N CYS A 18 -2.72 0.68 5.20
CA CYS A 18 -2.00 0.19 4.04
C CYS A 18 -0.50 0.40 4.28
N GLN A 19 -0.18 1.53 4.90
CA GLN A 19 1.20 1.86 5.19
C GLN A 19 1.89 0.67 5.87
N GLN A 20 1.10 -0.06 6.64
CA GLN A 20 1.62 -1.23 7.35
C GLN A 20 2.60 -1.99 6.46
N TRP A 21 2.04 -2.80 5.57
CA TRP A 21 2.85 -3.58 4.65
C TRP A 21 3.82 -2.65 3.94
N ILE A 22 3.25 -1.73 3.17
CA ILE A 22 4.05 -0.76 2.43
C ILE A 22 5.33 -0.48 3.20
N ARG A 23 5.16 -0.20 4.49
CA ARG A 23 6.29 0.09 5.36
C ARG A 23 6.86 -1.20 5.94
N GLN A 24 6.04 -1.85 6.75
CA GLN A 24 6.46 -3.10 7.39
C GLN A 24 7.25 -3.96 6.41
N GLN A 25 6.83 -3.91 5.15
CA GLN A 25 7.49 -4.67 4.10
C GLN A 25 9.00 -4.74 4.37
N LEU A 26 9.53 -3.61 4.81
CA LEU A 26 10.95 -3.52 5.10
C LEU A 26 11.33 -4.61 6.11
N ALA A 27 10.56 -4.65 7.20
CA ALA A 27 10.81 -5.63 8.24
C ALA A 27 10.97 -7.01 7.62
N GLY A 28 11.34 -7.97 8.46
CA GLY A 28 11.52 -9.33 8.00
C GLY A 28 11.68 -10.30 9.18
N SER A 29 10.83 -10.10 10.17
CA SER A 29 10.87 -10.93 11.36
C SER A 29 11.16 -12.39 10.97
N PRO A 30 12.44 -12.80 11.19
CA PRO A 30 12.85 -14.15 10.87
C PRO A 30 12.32 -15.15 11.90
N PHE A 31 11.95 -16.32 11.40
CA PHE A 31 11.43 -17.37 12.26
C PHE A 31 12.25 -17.47 13.56
N GLN B 1 -10.46 -18.78 12.70
CA GLN B 1 -9.20 -18.65 13.43
C GLN B 1 -8.35 -19.90 13.25
N SER B 2 -9.01 -21.05 13.29
CA SER B 2 -8.33 -22.32 13.14
C SER B 2 -8.01 -22.56 11.66
N GLY B 3 -7.24 -21.64 11.10
CA GLY B 3 -6.86 -21.74 9.70
C GLY B 3 -7.35 -20.52 8.91
N PRO B 4 -8.66 -20.56 8.55
CA PRO B 4 -9.27 -19.48 7.78
C PRO B 4 -9.52 -18.27 8.68
N GLN B 5 -9.31 -17.09 8.11
CA GLN B 5 -9.51 -15.85 8.84
C GLN B 5 -10.50 -14.95 8.10
N GLN B 6 -11.74 -15.00 8.57
CA GLN B 6 -12.80 -14.20 7.97
C GLN B 6 -13.71 -13.62 9.05
N GLY B 7 -13.10 -12.90 9.97
CA GLY B 7 -13.83 -12.29 11.06
C GLY B 7 -13.85 -10.77 10.92
N PRO B 8 -12.71 -10.13 11.33
CA PRO B 8 -12.60 -8.69 11.25
C PRO B 8 -12.37 -8.24 9.81
N TRP B 9 -12.77 -7.00 9.55
CA TRP B 9 -12.62 -6.43 8.23
C TRP B 9 -11.97 -5.05 8.36
N LEU B 10 -10.84 -5.04 9.05
CA LEU B 10 -10.11 -3.81 9.26
C LEU B 10 -9.36 -3.43 7.98
N ARG B 11 -8.78 -4.44 7.35
CA ARG B 11 -8.03 -4.24 6.13
C ARG B 11 -8.97 -3.79 5.00
N GLU B 12 -10.02 -4.57 4.79
CA GLU B 12 -10.99 -4.25 3.75
C GLU B 12 -11.27 -2.75 3.74
N GLN B 13 -11.41 -2.19 4.93
CA GLN B 13 -11.68 -0.77 5.06
C GLN B 13 -10.77 0.04 4.13
N CYS B 14 -9.49 -0.30 4.20
CA CYS B 14 -8.50 0.40 3.38
C CYS B 14 -8.99 0.39 1.93
N CYS B 15 -9.35 -0.80 1.47
CA CYS B 15 -9.83 -0.96 0.11
C CYS B 15 -11.19 -0.26 0.00
N ASN B 16 -12.13 -0.74 0.79
CA ASN B 16 -13.47 -0.18 0.79
C ASN B 16 -13.38 1.34 0.62
N GLU B 17 -12.33 1.91 1.22
CA GLU B 17 -12.12 3.34 1.14
C GLU B 17 -11.48 3.71 -0.20
N LEU B 18 -10.57 2.85 -0.64
CA LEU B 18 -9.88 3.08 -1.91
C LEU B 18 -10.75 2.55 -3.05
N TYR B 19 -11.14 1.29 -2.93
CA TYR B 19 -11.97 0.66 -3.93
C TYR B 19 -12.92 1.68 -4.57
N GLN B 20 -13.41 2.58 -3.74
CA GLN B 20 -14.33 3.61 -4.21
C GLN B 20 -13.72 4.36 -5.40
N GLU B 21 -12.42 4.56 -5.32
CA GLU B 21 -11.71 5.27 -6.38
C GLU B 21 -11.41 4.32 -7.55
N ASP B 22 -10.31 4.61 -8.24
CA ASP B 22 -9.92 3.80 -9.37
C ASP B 22 -8.44 3.43 -9.22
N GLN B 23 -8.20 2.14 -9.04
CA GLN B 23 -6.84 1.64 -8.88
C GLN B 23 -5.94 2.18 -10.01
N VAL B 24 -6.59 2.85 -10.96
CA VAL B 24 -5.87 3.42 -12.08
C VAL B 24 -4.53 3.98 -11.61
N CYS B 25 -4.59 4.66 -10.47
CA CYS B 25 -3.39 5.26 -9.90
C CYS B 25 -3.33 4.87 -8.42
N VAL B 26 -4.29 4.07 -8.00
CA VAL B 26 -4.36 3.64 -6.63
C VAL B 26 -3.46 2.42 -6.43
N CYS B 27 -3.21 1.72 -7.53
CA CYS B 27 -2.37 0.54 -7.50
C CYS B 27 -0.92 0.99 -7.68
N PRO B 28 -0.71 1.90 -8.67
CA PRO B 28 0.62 2.41 -8.95
C PRO B 28 1.06 3.42 -7.88
N THR B 29 0.11 3.78 -7.02
CA THR B 29 0.38 4.72 -5.96
C THR B 29 1.39 4.13 -4.97
N LEU B 30 1.25 2.84 -4.72
CA LEU B 30 2.13 2.15 -3.80
C LEU B 30 3.58 2.49 -4.14
N LYS B 31 3.92 2.30 -5.41
CA LYS B 31 5.27 2.60 -5.87
C LYS B 31 5.77 3.89 -5.22
N GLN B 32 4.84 4.84 -5.09
CA GLN B 32 5.18 6.11 -4.49
C GLN B 32 5.48 5.94 -3.00
N ALA B 33 4.64 5.14 -2.36
CA ALA B 33 4.81 4.88 -0.93
C ALA B 33 6.20 4.29 -0.68
N ALA B 34 6.61 3.43 -1.60
CA ALA B 34 7.91 2.79 -1.49
C ALA B 34 9.00 3.85 -1.61
N LYS B 35 8.78 4.80 -2.51
CA LYS B 35 9.73 5.87 -2.72
C LYS B 35 10.36 6.28 -1.38
N SER B 36 9.48 6.68 -0.46
CA SER B 36 9.93 7.09 0.87
C SER B 36 10.44 5.88 1.64
N VAL B 37 9.62 4.84 1.68
CA VAL B 37 9.98 3.63 2.39
C VAL B 37 11.33 3.13 1.88
N ARG B 38 11.31 2.51 0.72
CA ARG B 38 12.53 2.00 0.12
C ARG B 38 13.75 2.55 0.85
N VAL B 39 14.03 3.81 0.60
CA VAL B 39 15.16 4.47 1.22
C VAL B 39 15.91 3.47 2.11
N GLN B 40 16.74 2.67 1.47
CA GLN B 40 17.51 1.66 2.19
C GLN B 40 17.18 1.71 3.69
N GLY B 41 18.14 2.19 4.45
CA GLY B 41 17.96 2.29 5.90
C GLY B 41 17.35 1.01 6.46
N GLN B 42 16.02 1.03 6.58
CA GLN B 42 15.30 -0.10 7.11
C GLN B 42 15.03 -1.13 6.01
N HIS B 43 15.43 -0.75 4.79
CA HIS B 43 15.24 -1.61 3.64
C HIS B 43 16.60 -1.96 3.04
N GLY B 44 17.48 -2.49 3.89
CA GLY B 44 18.80 -2.87 3.46
C GLY B 44 18.80 -3.34 2.01
N PRO B 45 17.95 -4.37 1.74
CA PRO B 45 17.83 -4.92 0.40
C PRO B 45 17.05 -3.98 -0.52
N PHE B 46 17.38 -4.04 -1.80
CA PHE B 46 16.71 -3.21 -2.78
C PHE B 46 15.93 -4.06 -3.78
N GLN B 47 14.75 -3.57 -4.13
CA GLN B 47 13.91 -4.27 -5.08
C GLN B 47 12.66 -3.44 -5.40
N SER B 48 12.90 -2.16 -5.68
CA SER B 48 11.81 -1.25 -6.01
C SER B 48 10.99 -1.82 -7.18
N THR B 49 11.68 -2.06 -8.27
CA THR B 49 11.04 -2.58 -9.46
C THR B 49 10.11 -3.75 -9.10
N ARG B 50 10.58 -4.56 -8.16
CA ARG B 50 9.82 -5.71 -7.70
C ARG B 50 8.76 -5.28 -6.68
N ILE B 51 9.24 -4.93 -5.50
CA ILE B 51 8.34 -4.50 -4.43
C ILE B 51 7.20 -3.68 -5.03
N TYR B 52 7.54 -2.90 -6.05
CA TYR B 52 6.55 -2.06 -6.72
C TYR B 52 5.48 -2.92 -7.38
N GLN B 53 5.92 -3.87 -8.19
CA GLN B 53 5.00 -4.76 -8.88
C GLN B 53 4.55 -5.88 -7.96
N ILE B 54 5.52 -6.65 -7.48
CA ILE B 54 5.24 -7.75 -6.59
C ILE B 54 4.08 -7.38 -5.67
N ALA B 55 4.36 -6.45 -4.76
CA ALA B 55 3.36 -5.99 -3.82
C ALA B 55 2.17 -5.38 -4.59
N LYS B 56 1.14 -5.03 -3.84
CA LYS B 56 -0.05 -4.45 -4.44
C LYS B 56 -1.09 -4.20 -3.35
N ASN B 57 -2.06 -5.09 -3.28
CA ASN B 57 -3.12 -4.98 -2.29
C ASN B 57 -2.50 -4.84 -0.89
N LEU B 58 -1.51 -5.70 -0.64
CA LEU B 58 -0.84 -5.68 0.64
C LEU B 58 0.16 -6.85 0.71
N PRO B 59 -0.37 -8.07 0.42
CA PRO B 59 -1.78 -8.21 0.09
C PRO B 59 -2.66 -8.08 1.34
N ASN B 60 -3.87 -7.61 1.12
CA ASN B 60 -4.81 -7.43 2.23
C ASN B 60 -5.82 -6.35 1.85
N VAL B 61 -5.35 -5.10 1.85
CA VAL B 61 -6.21 -3.98 1.52
C VAL B 61 -7.62 -4.48 1.26
N CYS B 62 -7.83 -4.95 0.04
CA CYS B 62 -9.14 -5.47 -0.35
C CYS B 62 -9.16 -6.97 -0.08
N ASN B 63 -8.78 -7.72 -1.10
CA ASN B 63 -8.74 -9.17 -1.00
C ASN B 63 -9.13 -9.79 -2.34
N MET B 64 -8.53 -9.25 -3.39
CA MET B 64 -8.80 -9.74 -4.75
C MET B 64 -7.51 -9.91 -5.54
N LYS B 65 -6.95 -11.10 -5.44
CA LYS B 65 -5.71 -11.41 -6.14
C LYS B 65 -5.97 -11.44 -7.65
N GLN B 66 -7.25 -11.27 -8.00
CA GLN B 66 -7.65 -11.28 -9.39
C GLN B 66 -7.14 -10.02 -10.10
N ILE B 67 -7.25 -8.91 -9.40
CA ILE B 67 -6.81 -7.63 -9.95
C ILE B 67 -5.75 -7.03 -9.02
N GLY B 68 -6.15 -6.82 -7.77
CA GLY B 68 -5.25 -6.24 -6.79
C GLY B 68 -5.69 -4.83 -6.41
N THR B 69 -5.50 -4.49 -5.14
CA THR B 69 -5.87 -3.18 -4.65
C THR B 69 -4.75 -2.62 -3.75
N CYS B 70 -3.84 -1.89 -4.39
CA CYS B 70 -2.74 -1.28 -3.66
C CYS B 70 -3.28 -0.15 -2.80
N PRO B 71 -2.33 0.65 -2.24
CA PRO B 71 -2.70 1.77 -1.40
C PRO B 71 -3.24 2.94 -2.24
N PHE B 72 -3.91 3.85 -1.55
CA PHE B 72 -4.49 5.00 -2.23
C PHE B 72 -4.01 6.31 -1.56
N ILE B 73 -4.95 7.23 -1.40
CA ILE B 73 -4.65 8.50 -0.79
C ILE B 73 -5.41 8.64 0.53
N ALA B 74 -4.81 9.37 1.45
CA ALA B 74 -5.42 9.57 2.76
C ALA B 74 -5.71 11.07 2.95
N ILE B 75 -6.01 11.42 4.19
CA ILE B 75 -6.30 12.81 4.52
C ILE B 75 -5.01 13.60 4.58
N GLN A 1 1.29 8.00 -16.56
CA GLN A 1 0.65 7.93 -15.26
C GLN A 1 -0.13 9.23 -14.98
N PRO A 2 -1.06 9.14 -14.00
CA PRO A 2 -1.88 10.29 -13.63
C PRO A 2 -1.06 11.29 -12.81
N GLN A 3 -1.11 12.54 -13.25
CA GLN A 3 -0.39 13.60 -12.56
C GLN A 3 -1.13 14.02 -11.29
N LYS A 4 -2.44 14.16 -11.43
CA LYS A 4 -3.28 14.55 -10.30
C LYS A 4 -3.08 13.55 -9.16
N CYS A 5 -2.99 12.29 -9.53
CA CYS A 5 -2.80 11.23 -8.54
C CYS A 5 -1.54 11.54 -7.74
N GLN A 6 -0.41 11.48 -8.42
CA GLN A 6 0.87 11.76 -7.78
C GLN A 6 0.72 12.91 -6.78
N ARG A 7 -0.05 13.90 -7.18
CA ARG A 7 -0.29 15.05 -6.33
C ARG A 7 -1.26 14.70 -5.20
N GLU A 8 -2.48 14.38 -5.59
CA GLU A 8 -3.50 14.02 -4.62
C GLU A 8 -2.90 13.17 -3.50
N PHE A 9 -1.99 12.28 -3.89
CA PHE A 9 -1.34 11.41 -2.93
C PHE A 9 -0.87 12.20 -1.70
N GLN A 10 0.11 13.06 -1.92
CA GLN A 10 0.65 13.87 -0.85
C GLN A 10 -0.27 15.07 -0.58
N GLN A 11 -0.77 15.64 -1.66
CA GLN A 11 -1.65 16.79 -1.55
C GLN A 11 -2.79 16.49 -0.57
N GLU A 12 -3.24 15.24 -0.60
CA GLU A 12 -4.32 14.82 0.27
C GLU A 12 -3.82 14.67 1.71
N GLN A 13 -3.35 13.47 2.02
CA GLN A 13 -2.84 13.18 3.35
C GLN A 13 -2.52 11.69 3.48
N HIS A 14 -1.44 11.29 2.82
CA HIS A 14 -1.02 9.90 2.87
C HIS A 14 -1.86 9.13 3.88
N LEU A 15 -2.54 8.11 3.38
CA LEU A 15 -3.39 7.29 4.23
C LEU A 15 -2.65 6.95 5.52
N ARG A 16 -3.36 6.32 6.43
CA ARG A 16 -2.79 5.94 7.71
C ARG A 16 -2.82 4.42 7.88
N ALA A 17 -4.02 3.91 8.10
CA ALA A 17 -4.20 2.47 8.28
C ALA A 17 -3.21 1.73 7.38
N CYS A 18 -2.95 2.31 6.22
CA CYS A 18 -2.03 1.71 5.27
C CYS A 18 -0.83 1.16 6.05
N GLN A 19 -0.59 1.77 7.21
CA GLN A 19 0.51 1.36 8.05
C GLN A 19 0.72 -0.15 7.98
N GLN A 20 -0.37 -0.87 8.17
CA GLN A 20 -0.33 -2.32 8.12
C GLN A 20 0.20 -2.80 6.77
N TRP A 21 -0.22 -2.10 5.73
CA TRP A 21 0.20 -2.43 4.38
C TRP A 21 1.69 -2.77 4.42
N ILE A 22 2.49 -1.75 4.70
CA ILE A 22 3.93 -1.92 4.77
C ILE A 22 4.29 -2.56 6.11
N ARG A 23 3.81 -1.94 7.17
CA ARG A 23 4.08 -2.45 8.51
C ARG A 23 3.99 -3.97 8.54
N GLN A 24 2.79 -4.47 8.26
CA GLN A 24 2.56 -5.90 8.25
C GLN A 24 3.54 -6.59 7.30
N GLN A 25 3.76 -5.95 6.16
CA GLN A 25 4.67 -6.49 5.15
C GLN A 25 6.00 -6.89 5.80
N LEU A 26 6.59 -5.92 6.49
CA LEU A 26 7.86 -6.16 7.15
C LEU A 26 7.69 -7.27 8.19
N ALA A 27 6.58 -7.20 8.91
CA ALA A 27 6.28 -8.18 9.93
C ALA A 27 6.65 -9.57 9.42
N GLY A 28 7.47 -10.26 10.19
CA GLY A 28 7.91 -11.60 9.83
C GLY A 28 6.97 -12.66 10.39
N SER A 29 6.75 -12.58 11.70
CA SER A 29 5.87 -13.52 12.37
C SER A 29 4.70 -12.78 13.03
N PRO A 30 3.67 -12.49 12.20
CA PRO A 30 2.49 -11.79 12.69
C PRO A 30 1.61 -12.71 13.54
N PHE A 31 0.79 -12.09 14.37
CA PHE A 31 -0.11 -12.84 15.23
C PHE A 31 -1.52 -12.26 15.18
N GLN B 1 -6.40 -17.33 13.06
CA GLN B 1 -6.70 -18.35 14.05
C GLN B 1 -8.02 -19.05 13.71
N SER B 2 -8.43 -19.93 14.61
CA SER B 2 -9.67 -20.67 14.41
C SER B 2 -10.86 -19.72 14.41
N GLY B 3 -11.86 -20.07 13.61
CA GLY B 3 -13.06 -19.26 13.51
C GLY B 3 -12.72 -17.83 13.03
N PRO B 4 -12.28 -17.75 11.75
CA PRO B 4 -11.93 -16.47 11.16
C PRO B 4 -13.18 -15.66 10.83
N GLN B 5 -13.01 -14.34 10.86
CA GLN B 5 -14.11 -13.44 10.57
C GLN B 5 -13.77 -12.54 9.38
N GLN B 6 -14.32 -12.91 8.23
CA GLN B 6 -14.09 -12.15 7.01
C GLN B 6 -14.85 -10.82 7.05
N GLY B 7 -14.47 -9.98 8.01
CA GLY B 7 -15.11 -8.69 8.16
C GLY B 7 -14.16 -7.56 7.76
N PRO B 8 -14.52 -6.33 8.20
CA PRO B 8 -13.71 -5.16 7.89
C PRO B 8 -12.43 -5.13 8.73
N TRP B 9 -11.36 -4.67 8.11
CA TRP B 9 -10.08 -4.59 8.79
C TRP B 9 -9.41 -3.26 8.39
N LEU B 10 -8.27 -3.01 9.00
CA LEU B 10 -7.53 -1.79 8.72
C LEU B 10 -6.85 -1.91 7.35
N ARG B 11 -6.16 -3.02 7.17
CA ARG B 11 -5.46 -3.28 5.92
C ARG B 11 -6.42 -3.13 4.73
N GLU B 12 -7.61 -3.68 4.91
CA GLU B 12 -8.62 -3.61 3.87
C GLU B 12 -9.19 -2.19 3.76
N GLN B 13 -9.39 -1.58 4.92
CA GLN B 13 -9.92 -0.24 4.97
C GLN B 13 -9.17 0.67 4.00
N CYS B 14 -7.85 0.69 4.16
CA CYS B 14 -7.00 1.52 3.31
C CYS B 14 -7.28 1.12 1.86
N CYS B 15 -7.26 -0.18 1.61
CA CYS B 15 -7.50 -0.69 0.28
C CYS B 15 -8.87 -0.20 -0.18
N ASN B 16 -9.81 -0.20 0.75
CA ASN B 16 -11.16 0.24 0.46
C ASN B 16 -11.17 1.76 0.24
N GLU B 17 -10.36 2.44 1.04
CA GLU B 17 -10.26 3.88 0.95
C GLU B 17 -9.87 4.31 -0.48
N LEU B 18 -8.98 3.51 -1.06
CA LEU B 18 -8.52 3.79 -2.41
C LEU B 18 -9.59 3.34 -3.41
N TYR B 19 -10.19 2.20 -3.11
CA TYR B 19 -11.22 1.65 -3.96
C TYR B 19 -12.38 2.62 -4.13
N GLN B 20 -13.14 2.80 -3.06
CA GLN B 20 -14.27 3.70 -3.08
C GLN B 20 -13.93 4.97 -3.86
N GLU B 21 -12.68 5.39 -3.73
CA GLU B 21 -12.22 6.58 -4.42
C GLU B 21 -12.35 6.41 -5.93
N ASP B 22 -11.36 6.92 -6.64
CA ASP B 22 -11.35 6.83 -8.09
C ASP B 22 -10.18 5.95 -8.55
N GLN B 23 -10.53 4.84 -9.18
CA GLN B 23 -9.52 3.91 -9.66
C GLN B 23 -8.42 4.66 -10.41
N VAL B 24 -8.73 5.91 -10.76
CA VAL B 24 -7.78 6.73 -11.48
C VAL B 24 -6.37 6.46 -10.95
N CYS B 25 -6.30 6.12 -9.67
CA CYS B 25 -5.02 5.83 -9.05
C CYS B 25 -4.83 4.31 -9.05
N VAL B 26 -4.91 3.73 -10.24
CA VAL B 26 -4.74 2.30 -10.40
C VAL B 26 -3.72 1.80 -9.37
N CYS B 27 -2.46 1.92 -9.73
CA CYS B 27 -1.39 1.48 -8.85
C CYS B 27 -0.27 2.52 -8.91
N PRO B 28 -0.66 3.76 -9.31
CA PRO B 28 0.31 4.84 -9.40
C PRO B 28 0.69 5.37 -8.02
N THR B 29 -0.22 5.18 -7.08
CA THR B 29 0.00 5.63 -5.71
C THR B 29 1.14 4.81 -5.07
N LEU B 30 0.81 3.57 -4.72
CA LEU B 30 1.79 2.69 -4.11
C LEU B 30 3.17 2.96 -4.71
N LYS B 31 3.18 3.19 -6.01
CA LYS B 31 4.42 3.46 -6.72
C LYS B 31 5.31 4.33 -5.83
N GLN B 32 4.77 5.47 -5.42
CA GLN B 32 5.51 6.40 -4.58
C GLN B 32 5.45 5.94 -3.12
N ALA B 33 4.24 5.64 -2.67
CA ALA B 33 4.04 5.20 -1.30
C ALA B 33 5.14 4.21 -0.92
N ALA B 34 5.34 3.24 -1.79
CA ALA B 34 6.37 2.22 -1.55
C ALA B 34 7.74 2.83 -1.82
N LYS B 35 7.82 3.61 -2.87
CA LYS B 35 9.07 4.26 -3.25
C LYS B 35 9.79 4.72 -1.98
N SER B 36 9.00 5.14 -1.00
CA SER B 36 9.55 5.59 0.26
C SER B 36 9.91 4.40 1.14
N VAL B 37 8.88 3.67 1.54
CA VAL B 37 9.07 2.51 2.39
C VAL B 37 10.15 1.61 1.78
N ARG B 38 9.70 0.75 0.87
CA ARG B 38 10.62 -0.17 0.20
C ARG B 38 12.04 0.38 0.26
N VAL B 39 12.47 0.95 -0.86
CA VAL B 39 13.81 1.51 -0.96
C VAL B 39 14.47 1.48 0.42
N GLN B 40 15.46 0.61 0.54
CA GLN B 40 16.18 0.46 1.80
C GLN B 40 16.29 1.81 2.50
N GLY B 41 16.33 1.75 3.82
CA GLY B 41 16.43 2.96 4.63
C GLY B 41 15.83 2.74 6.02
N GLN B 42 14.68 2.09 6.03
CA GLN B 42 13.98 1.82 7.28
C GLN B 42 13.69 0.32 7.41
N HIS B 43 14.05 -0.41 6.36
CA HIS B 43 13.82 -1.85 6.34
C HIS B 43 14.90 -2.51 5.48
N GLY B 44 16.14 -2.32 5.88
CA GLY B 44 17.26 -2.89 5.16
C GLY B 44 16.99 -2.94 3.66
N PRO B 45 17.70 -3.88 2.96
CA PRO B 45 17.52 -4.04 1.53
C PRO B 45 16.21 -4.76 1.21
N PHE B 46 15.75 -4.55 -0.01
CA PHE B 46 14.51 -5.17 -0.45
C PHE B 46 14.47 -5.30 -1.98
N GLN B 47 13.86 -6.37 -2.44
CA GLN B 47 13.74 -6.61 -3.88
C GLN B 47 12.49 -5.93 -4.42
N SER B 48 12.24 -4.71 -3.94
CA SER B 48 11.09 -3.96 -4.38
C SER B 48 11.25 -3.55 -5.86
N THR B 49 12.38 -2.94 -6.14
CA THR B 49 12.67 -2.49 -7.50
C THR B 49 12.05 -3.46 -8.51
N ARG B 50 12.08 -4.74 -8.17
CA ARG B 50 11.53 -5.76 -9.04
C ARG B 50 10.02 -5.89 -8.82
N ILE B 51 9.67 -6.45 -7.66
CA ILE B 51 8.26 -6.62 -7.33
C ILE B 51 7.53 -5.29 -7.50
N TYR B 52 8.21 -4.22 -7.12
CA TYR B 52 7.64 -2.90 -7.22
C TYR B 52 6.86 -2.73 -8.53
N GLN B 53 7.36 -3.40 -9.56
CA GLN B 53 6.72 -3.35 -10.87
C GLN B 53 5.21 -3.26 -10.72
N ILE B 54 4.62 -4.38 -10.33
CA ILE B 54 3.17 -4.45 -10.15
C ILE B 54 2.81 -3.85 -8.79
N ALA B 55 3.05 -4.62 -7.75
CA ALA B 55 2.75 -4.18 -6.40
C ALA B 55 3.16 -5.27 -5.40
N LYS B 56 2.41 -5.35 -4.32
CA LYS B 56 2.68 -6.34 -3.28
C LYS B 56 1.63 -6.21 -2.17
N ASN B 57 0.51 -6.89 -2.38
CA ASN B 57 -0.56 -6.87 -1.40
C ASN B 57 0.02 -6.81 0.00
N LEU B 58 0.87 -7.79 0.30
CA LEU B 58 1.51 -7.86 1.61
C LEU B 58 2.27 -9.19 1.72
N PRO B 59 1.52 -10.29 1.48
CA PRO B 59 0.11 -10.19 1.12
C PRO B 59 -0.74 -9.86 2.34
N ASN B 60 -1.93 -9.34 2.08
CA ASN B 60 -2.85 -8.99 3.14
C ASN B 60 -3.89 -8.01 2.59
N VAL B 61 -3.43 -6.81 2.27
CA VAL B 61 -4.32 -5.78 1.74
C VAL B 61 -5.75 -6.34 1.66
N CYS B 62 -6.16 -6.63 0.43
CA CYS B 62 -7.50 -7.16 0.21
C CYS B 62 -7.36 -8.49 -0.53
N ASN B 63 -6.12 -8.94 -0.65
CA ASN B 63 -5.84 -10.20 -1.32
C ASN B 63 -6.66 -10.28 -2.62
N MET B 64 -6.76 -9.13 -3.27
CA MET B 64 -7.52 -9.06 -4.52
C MET B 64 -6.84 -9.86 -5.62
N LYS B 65 -7.08 -11.17 -5.59
CA LYS B 65 -6.49 -12.06 -6.58
C LYS B 65 -7.20 -11.86 -7.92
N GLN B 66 -8.18 -10.97 -7.90
CA GLN B 66 -8.94 -10.67 -9.11
C GLN B 66 -8.29 -9.53 -9.89
N ILE B 67 -8.31 -8.36 -9.27
CA ILE B 67 -7.71 -7.17 -9.89
C ILE B 67 -6.20 -7.22 -9.70
N GLY B 68 -5.76 -6.75 -8.55
CA GLY B 68 -4.35 -6.72 -8.23
C GLY B 68 -4.09 -6.00 -6.91
N THR B 69 -2.87 -6.15 -6.42
CA THR B 69 -2.48 -5.51 -5.16
C THR B 69 -2.11 -4.05 -5.40
N CYS B 70 -1.54 -3.44 -4.37
CA CYS B 70 -1.13 -2.05 -4.45
C CYS B 70 -0.65 -1.61 -3.07
N PRO B 71 0.68 -1.29 -3.00
CA PRO B 71 1.27 -0.85 -1.76
C PRO B 71 0.87 0.59 -1.41
N PHE B 72 1.11 0.95 -0.17
CA PHE B 72 0.77 2.29 0.29
C PHE B 72 1.90 2.89 1.14
N ILE B 73 1.52 3.80 2.02
CA ILE B 73 2.49 4.44 2.89
C ILE B 73 2.44 3.79 4.27
N ALA B 74 3.19 4.37 5.19
CA ALA B 74 3.26 3.87 6.55
C ALA B 74 3.19 5.04 7.53
N ILE B 75 4.35 5.63 7.77
CA ILE B 75 4.44 6.76 8.68
C ILE B 75 3.44 7.83 8.26
N GLN A 1 -6.11 9.97 -16.85
CA GLN A 1 -4.91 10.32 -16.12
C GLN A 1 -5.18 11.54 -15.21
N PRO A 2 -6.09 11.33 -14.23
CA PRO A 2 -6.44 12.39 -13.30
C PRO A 2 -5.33 12.61 -12.27
N GLN A 3 -4.96 13.88 -12.12
CA GLN A 3 -3.92 14.24 -11.17
C GLN A 3 -4.44 14.14 -9.74
N LYS A 4 -5.71 14.44 -9.58
CA LYS A 4 -6.35 14.38 -8.27
C LYS A 4 -5.76 13.20 -7.49
N CYS A 5 -5.79 12.04 -8.11
CA CYS A 5 -5.26 10.84 -7.50
C CYS A 5 -3.77 11.03 -7.26
N GLN A 6 -3.01 10.91 -8.33
CA GLN A 6 -1.56 11.07 -8.25
C GLN A 6 -1.21 12.16 -7.25
N ARG A 7 -2.01 13.21 -7.25
CA ARG A 7 -1.79 14.33 -6.34
C ARG A 7 -2.30 13.98 -4.94
N GLU A 8 -3.50 13.43 -4.89
CA GLU A 8 -4.09 13.04 -3.63
C GLU A 8 -3.04 12.42 -2.70
N PHE A 9 -2.18 11.61 -3.31
CA PHE A 9 -1.13 10.94 -2.56
C PHE A 9 -0.61 11.84 -1.44
N GLN A 10 0.06 12.91 -1.84
CA GLN A 10 0.62 13.84 -0.88
C GLN A 10 -0.44 14.87 -0.47
N GLN A 11 -1.25 15.25 -1.44
CA GLN A 11 -2.31 16.22 -1.20
C GLN A 11 -2.95 15.98 0.18
N GLU A 12 -3.33 14.73 0.40
CA GLU A 12 -3.95 14.35 1.66
C GLU A 12 -2.91 14.31 2.77
N GLN A 13 -2.28 13.15 2.90
CA GLN A 13 -1.26 12.97 3.92
C GLN A 13 -0.84 11.50 3.98
N HIS A 14 -0.09 11.08 2.96
CA HIS A 14 0.39 9.72 2.89
C HIS A 14 -0.31 8.87 3.97
N LEU A 15 -1.47 8.35 3.61
CA LEU A 15 -2.24 7.53 4.54
C LEU A 15 -1.28 6.87 5.53
N ARG A 16 -1.79 6.65 6.74
CA ARG A 16 -1.00 6.03 7.79
C ARG A 16 -1.41 4.56 7.95
N ALA A 17 -2.70 4.36 8.13
CA ALA A 17 -3.23 3.02 8.31
C ALA A 17 -2.46 2.05 7.41
N CYS A 18 -1.97 2.58 6.30
CA CYS A 18 -1.21 1.77 5.36
C CYS A 18 0.00 1.18 6.09
N GLN A 19 0.43 1.90 7.12
CA GLN A 19 1.57 1.46 7.90
C GLN A 19 1.57 -0.06 8.04
N GLN A 20 0.37 -0.61 8.22
CA GLN A 20 0.22 -2.05 8.37
C GLN A 20 0.38 -2.73 7.01
N TRP A 21 -0.15 -2.07 5.99
CA TRP A 21 -0.09 -2.61 4.64
C TRP A 21 1.38 -2.93 4.33
N ILE A 22 2.23 -1.94 4.56
CA ILE A 22 3.65 -2.10 4.31
C ILE A 22 4.27 -2.94 5.42
N ARG A 23 4.11 -2.45 6.64
CA ARG A 23 4.65 -3.14 7.80
C ARG A 23 4.50 -4.66 7.64
N GLN A 24 3.27 -5.09 7.42
CA GLN A 24 3.00 -6.51 7.24
C GLN A 24 3.94 -7.10 6.20
N GLN A 25 4.23 -6.30 5.19
CA GLN A 25 5.10 -6.73 4.11
C GLN A 25 6.40 -7.31 4.70
N LEU A 26 7.17 -6.44 5.33
CA LEU A 26 8.43 -6.87 5.92
C LEU A 26 8.19 -8.11 6.78
N ALA A 27 7.16 -8.03 7.61
CA ALA A 27 6.81 -9.14 8.48
C ALA A 27 6.97 -10.45 7.71
N GLY A 28 7.08 -11.53 8.47
CA GLY A 28 7.23 -12.85 7.87
C GLY A 28 6.71 -13.94 8.82
N SER A 29 7.54 -14.27 9.80
CA SER A 29 7.16 -15.29 10.77
C SER A 29 5.68 -15.17 11.12
N PRO A 30 4.86 -16.05 10.48
CA PRO A 30 3.43 -16.05 10.71
C PRO A 30 3.10 -16.67 12.07
N PHE A 31 2.15 -16.05 12.76
CA PHE A 31 1.73 -16.53 14.06
C PHE A 31 0.31 -16.06 14.39
N GLN B 1 -21.36 -16.63 1.10
CA GLN B 1 -22.05 -15.36 1.34
C GLN B 1 -22.89 -15.46 2.60
N SER B 2 -22.62 -16.49 3.39
CA SER B 2 -23.35 -16.70 4.63
C SER B 2 -23.54 -15.36 5.35
N GLY B 3 -24.66 -15.27 6.06
CA GLY B 3 -24.98 -14.06 6.81
C GLY B 3 -23.72 -13.44 7.41
N PRO B 4 -23.20 -12.39 6.70
CA PRO B 4 -22.00 -11.71 7.17
C PRO B 4 -22.31 -10.80 8.35
N GLN B 5 -21.28 -10.52 9.13
CA GLN B 5 -21.43 -9.67 10.30
C GLN B 5 -20.73 -8.33 10.07
N GLN B 6 -20.93 -7.41 11.00
CA GLN B 6 -20.33 -6.10 10.91
C GLN B 6 -19.00 -6.07 11.68
N GLY B 7 -18.21 -5.05 11.39
CA GLY B 7 -16.92 -4.90 12.04
C GLY B 7 -16.15 -3.72 11.47
N PRO B 8 -14.95 -3.46 12.06
CA PRO B 8 -14.11 -2.37 11.61
C PRO B 8 -13.42 -2.70 10.28
N TRP B 9 -13.17 -1.66 9.51
CA TRP B 9 -12.52 -1.84 8.22
C TRP B 9 -11.59 -0.64 8.00
N LEU B 10 -10.70 -0.44 8.96
CA LEU B 10 -9.74 0.66 8.88
C LEU B 10 -8.67 0.31 7.85
N ARG B 11 -8.25 -0.94 7.87
CA ARG B 11 -7.21 -1.41 6.96
C ARG B 11 -7.71 -1.30 5.51
N GLU B 12 -8.85 -1.92 5.27
CA GLU B 12 -9.44 -1.92 3.94
C GLU B 12 -9.50 -0.49 3.40
N GLN B 13 -9.86 0.44 4.28
CA GLN B 13 -9.95 1.84 3.91
C GLN B 13 -8.70 2.27 3.14
N CYS B 14 -7.56 2.01 3.74
CA CYS B 14 -6.29 2.37 3.12
C CYS B 14 -6.26 1.77 1.70
N CYS B 15 -6.80 0.57 1.59
CA CYS B 15 -6.86 -0.11 0.31
C CYS B 15 -7.91 0.58 -0.56
N ASN B 16 -9.01 0.94 0.07
CA ASN B 16 -10.09 1.60 -0.64
C ASN B 16 -9.55 2.86 -1.32
N GLU B 17 -8.62 3.51 -0.63
CA GLU B 17 -8.02 4.72 -1.16
C GLU B 17 -7.58 4.51 -2.61
N LEU B 18 -6.90 3.40 -2.84
CA LEU B 18 -6.42 3.07 -4.16
C LEU B 18 -7.60 2.68 -5.05
N TYR B 19 -8.50 1.89 -4.47
CA TYR B 19 -9.68 1.43 -5.19
C TYR B 19 -10.65 2.59 -5.45
N GLN B 20 -10.69 3.50 -4.48
CA GLN B 20 -11.58 4.65 -4.59
C GLN B 20 -11.60 5.16 -6.03
N GLU B 21 -10.44 5.17 -6.65
CA GLU B 21 -10.32 5.62 -8.03
C GLU B 21 -10.23 4.41 -8.97
N ASP B 22 -9.47 4.61 -10.05
CA ASP B 22 -9.30 3.56 -11.03
C ASP B 22 -7.81 3.30 -11.24
N GLN B 23 -7.48 2.80 -12.43
CA GLN B 23 -6.09 2.51 -12.76
C GLN B 23 -5.20 3.71 -12.41
N VAL B 24 -5.82 4.87 -12.35
CA VAL B 24 -5.11 6.09 -12.03
C VAL B 24 -4.22 5.84 -10.80
N CYS B 25 -4.85 5.36 -9.74
CA CYS B 25 -4.13 5.08 -8.51
C CYS B 25 -4.43 3.64 -8.09
N VAL B 26 -4.49 2.77 -9.09
CA VAL B 26 -4.77 1.37 -8.84
C VAL B 26 -3.64 0.76 -8.00
N CYS B 27 -2.53 0.48 -8.67
CA CYS B 27 -1.38 -0.10 -8.01
C CYS B 27 -0.20 0.86 -8.18
N PRO B 28 -0.47 2.00 -8.87
CA PRO B 28 0.56 3.00 -9.11
C PRO B 28 0.85 3.80 -7.84
N THR B 29 -0.02 3.65 -6.87
CA THR B 29 0.13 4.35 -5.61
C THR B 29 1.12 3.61 -4.71
N LEU B 30 0.66 2.49 -4.18
CA LEU B 30 1.49 1.68 -3.30
C LEU B 30 2.92 1.64 -3.85
N LYS B 31 3.01 1.57 -5.16
CA LYS B 31 4.30 1.51 -5.82
C LYS B 31 5.27 2.46 -5.11
N GLN B 32 4.98 3.75 -5.24
CA GLN B 32 5.81 4.76 -4.61
C GLN B 32 5.59 4.78 -3.09
N ALA B 33 4.32 4.75 -2.71
CA ALA B 33 3.96 4.75 -1.30
C ALA B 33 4.93 3.87 -0.53
N ALA B 34 5.21 2.70 -1.10
CA ALA B 34 6.12 1.76 -0.48
C ALA B 34 7.55 2.29 -0.60
N LYS B 35 7.82 2.92 -1.72
CA LYS B 35 9.15 3.47 -1.98
C LYS B 35 9.75 3.96 -0.66
N SER B 36 9.37 5.18 -0.30
CA SER B 36 9.86 5.77 0.94
C SER B 36 9.47 4.90 2.13
N VAL B 37 8.27 4.35 2.06
CA VAL B 37 7.76 3.50 3.12
C VAL B 37 8.91 2.68 3.69
N ARG B 38 9.39 1.74 2.89
CA ARG B 38 10.48 0.88 3.30
C ARG B 38 11.81 1.44 2.80
N VAL B 39 12.33 0.81 1.75
CA VAL B 39 13.59 1.23 1.17
C VAL B 39 14.28 2.21 2.11
N GLN B 40 14.40 1.80 3.37
CA GLN B 40 15.04 2.63 4.38
C GLN B 40 14.94 1.96 5.75
N GLY B 41 15.87 2.33 6.62
CA GLY B 41 15.91 1.79 7.96
C GLY B 41 16.21 0.28 7.93
N GLN B 42 15.52 -0.45 8.79
CA GLN B 42 15.71 -1.88 8.87
C GLN B 42 15.53 -2.52 7.49
N HIS B 43 15.10 -1.70 6.55
CA HIS B 43 14.90 -2.16 5.18
C HIS B 43 15.54 -1.18 4.20
N GLY B 44 16.86 -1.12 4.25
CA GLY B 44 17.60 -0.22 3.39
C GLY B 44 17.82 -0.86 2.01
N PRO B 45 17.47 -2.18 1.92
CA PRO B 45 17.62 -2.91 0.67
C PRO B 45 16.51 -2.52 -0.32
N PHE B 46 16.94 -2.19 -1.53
CA PHE B 46 16.00 -1.80 -2.57
C PHE B 46 15.64 -2.99 -3.45
N GLN B 47 14.45 -2.91 -4.04
CA GLN B 47 13.97 -3.97 -4.91
C GLN B 47 12.57 -3.64 -5.43
N SER B 48 11.88 -2.78 -4.68
CA SER B 48 10.54 -2.37 -5.06
C SER B 48 10.46 -2.20 -6.58
N THR B 49 11.54 -1.70 -7.15
CA THR B 49 11.60 -1.48 -8.58
C THR B 49 10.89 -2.62 -9.33
N ARG B 50 11.31 -3.84 -9.02
CA ARG B 50 10.73 -5.01 -9.65
C ARG B 50 9.44 -5.41 -8.94
N ILE B 51 9.60 -5.77 -7.66
CA ILE B 51 8.46 -6.18 -6.86
C ILE B 51 7.27 -5.25 -7.15
N TYR B 52 7.60 -3.99 -7.38
CA TYR B 52 6.58 -3.00 -7.66
C TYR B 52 5.41 -3.62 -8.43
N GLN B 53 5.75 -4.41 -9.44
CA GLN B 53 4.74 -5.06 -10.26
C GLN B 53 4.25 -6.33 -9.56
N ILE B 54 5.19 -7.04 -8.95
CA ILE B 54 4.86 -8.26 -8.25
C ILE B 54 4.23 -7.93 -6.90
N ALA B 55 4.85 -6.98 -6.21
CA ALA B 55 4.35 -6.55 -4.92
C ALA B 55 3.30 -7.54 -4.42
N LYS B 56 2.43 -7.05 -3.56
CA LYS B 56 1.37 -7.88 -3.01
C LYS B 56 0.70 -7.14 -1.84
N ASN B 57 -0.59 -6.89 -2.01
CA ASN B 57 -1.36 -6.20 -0.98
C ASN B 57 -0.69 -6.40 0.37
N LEU B 58 -0.31 -7.64 0.64
CA LEU B 58 0.34 -7.97 1.90
C LEU B 58 1.13 -9.28 1.72
N PRO B 59 0.40 -10.33 1.26
CA PRO B 59 -1.01 -10.19 0.96
C PRO B 59 -1.84 -10.14 2.25
N ASN B 60 -3.05 -9.62 2.12
CA ASN B 60 -3.95 -9.50 3.25
C ASN B 60 -4.89 -8.32 3.04
N VAL B 61 -4.29 -7.14 2.89
CA VAL B 61 -5.07 -5.93 2.69
C VAL B 61 -6.44 -6.30 2.12
N CYS B 62 -6.48 -6.42 0.79
CA CYS B 62 -7.72 -6.76 0.11
C CYS B 62 -7.53 -8.12 -0.55
N ASN B 63 -6.31 -8.37 -0.98
CA ASN B 63 -5.99 -9.63 -1.64
C ASN B 63 -6.75 -9.72 -2.97
N MET B 64 -6.99 -8.56 -3.55
CA MET B 64 -7.70 -8.49 -4.82
C MET B 64 -6.79 -7.97 -5.94
N LYS B 65 -6.19 -8.91 -6.65
CA LYS B 65 -5.30 -8.57 -7.74
C LYS B 65 -6.13 -8.26 -9.00
N GLN B 66 -7.44 -8.27 -8.81
CA GLN B 66 -8.35 -7.99 -9.91
C GLN B 66 -8.16 -6.56 -10.42
N ILE B 67 -7.67 -5.71 -9.51
CA ILE B 67 -7.42 -4.32 -9.86
C ILE B 67 -5.93 -4.02 -9.75
N GLY B 68 -5.41 -4.22 -8.54
CA GLY B 68 -4.00 -3.97 -8.29
C GLY B 68 -3.67 -4.16 -6.80
N THR B 69 -2.44 -4.60 -6.55
CA THR B 69 -1.99 -4.81 -5.19
C THR B 69 -0.53 -4.42 -5.04
N CYS B 70 -0.27 -3.51 -4.11
CA CYS B 70 1.07 -3.04 -3.85
C CYS B 70 1.11 -2.40 -2.46
N PRO B 71 2.35 -2.23 -1.94
CA PRO B 71 2.54 -1.64 -0.62
C PRO B 71 2.31 -0.13 -0.67
N PHE B 72 1.50 0.34 0.27
CA PHE B 72 1.20 1.76 0.35
C PHE B 72 2.36 2.54 0.98
N ILE B 73 2.00 3.65 1.60
CA ILE B 73 3.00 4.49 2.25
C ILE B 73 2.73 4.52 3.76
N ALA B 74 3.63 5.17 4.48
CA ALA B 74 3.51 5.29 5.91
C ALA B 74 3.03 6.69 6.27
N ILE B 75 3.31 7.08 7.51
CA ILE B 75 2.92 8.39 7.99
C ILE B 75 3.90 9.45 7.47
N GLN A 1 4.21 8.78 -16.27
CA GLN A 1 4.68 9.33 -15.00
C GLN A 1 3.86 10.56 -14.62
N PRO A 2 2.55 10.33 -14.37
CA PRO A 2 1.65 11.41 -13.99
C PRO A 2 1.88 11.84 -12.55
N GLN A 3 2.05 13.15 -12.38
CA GLN A 3 2.28 13.71 -11.05
C GLN A 3 1.02 13.57 -10.20
N LYS A 4 -0.11 13.82 -10.83
CA LYS A 4 -1.39 13.73 -10.13
C LYS A 4 -1.40 12.49 -9.24
N CYS A 5 -0.85 11.42 -9.79
CA CYS A 5 -0.79 10.16 -9.06
C CYS A 5 -0.04 10.40 -7.75
N GLN A 6 1.25 10.66 -7.87
CA GLN A 6 2.08 10.91 -6.71
C GLN A 6 1.39 11.89 -5.77
N ARG A 7 0.86 12.94 -6.35
CA ARG A 7 0.16 13.96 -5.57
C ARG A 7 -1.04 13.35 -4.85
N GLU A 8 -1.95 12.80 -5.65
CA GLU A 8 -3.14 12.18 -5.10
C GLU A 8 -2.80 11.39 -3.82
N PHE A 9 -1.76 10.59 -3.93
CA PHE A 9 -1.32 9.78 -2.80
C PHE A 9 -1.24 10.63 -1.53
N GLN A 10 -0.37 11.62 -1.58
CA GLN A 10 -0.20 12.51 -0.43
C GLN A 10 -1.45 13.35 -0.21
N GLN A 11 -2.06 13.76 -1.32
CA GLN A 11 -3.27 14.57 -1.26
C GLN A 11 -4.14 14.14 -0.09
N GLU A 12 -4.17 12.83 0.14
CA GLU A 12 -4.97 12.28 1.22
C GLU A 12 -4.17 12.30 2.53
N GLN A 13 -3.49 11.19 2.78
CA GLN A 13 -2.68 11.06 3.99
C GLN A 13 -2.08 9.66 4.08
N HIS A 14 -1.21 9.35 3.11
CA HIS A 14 -0.56 8.05 3.06
C HIS A 14 -1.06 7.20 4.23
N LEU A 15 -2.09 6.42 3.94
CA LEU A 15 -2.68 5.55 4.95
C LEU A 15 -1.55 4.84 5.71
N ARG A 16 -1.91 4.32 6.88
CA ARG A 16 -0.95 3.62 7.71
C ARG A 16 -1.26 2.11 7.72
N ALA A 17 -2.53 1.81 7.87
CA ALA A 17 -2.98 0.43 7.91
C ALA A 17 -2.15 -0.39 6.90
N CYS A 18 -1.86 0.24 5.78
CA CYS A 18 -1.09 -0.41 4.74
C CYS A 18 0.40 -0.26 5.08
N GLN A 19 0.75 0.91 5.59
CA GLN A 19 2.12 1.19 5.96
C GLN A 19 2.78 -0.06 6.53
N GLN A 20 2.00 -0.83 7.27
CA GLN A 20 2.49 -2.05 7.88
C GLN A 20 3.38 -2.81 6.88
N TRP A 21 2.81 -3.05 5.71
CA TRP A 21 3.53 -3.77 4.66
C TRP A 21 4.45 -2.77 3.96
N ILE A 22 3.85 -1.66 3.54
CA ILE A 22 4.61 -0.63 2.85
C ILE A 22 6.01 -0.55 3.43
N ARG A 23 6.07 -0.53 4.76
CA ARG A 23 7.35 -0.46 5.45
C ARG A 23 7.98 -1.85 5.55
N GLN A 24 7.23 -2.77 6.14
CA GLN A 24 7.71 -4.13 6.29
C GLN A 24 8.33 -4.63 4.98
N GLN A 25 7.70 -4.27 3.89
CA GLN A 25 8.17 -4.67 2.58
C GLN A 25 9.70 -4.60 2.52
N LEU A 26 10.22 -3.45 2.94
CA LEU A 26 11.66 -3.23 2.95
C LEU A 26 12.35 -4.48 3.49
N ALA A 27 11.83 -4.97 4.61
CA ALA A 27 12.40 -6.16 5.24
C ALA A 27 11.50 -6.57 6.41
N GLY A 28 11.59 -7.85 6.74
CA GLY A 28 10.79 -8.40 7.84
C GLY A 28 11.68 -9.16 8.83
N SER A 29 11.08 -9.50 9.96
CA SER A 29 11.79 -10.23 10.99
C SER A 29 10.86 -10.56 12.15
N PRO A 30 10.08 -11.67 11.97
CA PRO A 30 9.14 -12.09 12.99
C PRO A 30 9.87 -12.76 14.16
N PHE A 31 9.29 -12.59 15.33
CA PHE A 31 9.87 -13.16 16.54
C PHE A 31 8.80 -13.40 17.61
N GLN B 1 -15.70 -7.98 19.79
CA GLN B 1 -16.89 -7.36 20.36
C GLN B 1 -16.58 -5.92 20.77
N SER B 2 -15.33 -5.68 21.12
CA SER B 2 -14.90 -4.36 21.55
C SER B 2 -14.24 -3.63 20.37
N GLY B 3 -14.90 -2.57 19.93
CA GLY B 3 -14.40 -1.78 18.83
C GLY B 3 -15.54 -1.22 17.98
N PRO B 4 -15.24 -1.01 16.67
CA PRO B 4 -16.23 -0.49 15.75
C PRO B 4 -17.26 -1.56 15.38
N GLN B 5 -18.43 -1.10 14.99
CA GLN B 5 -19.50 -2.01 14.60
C GLN B 5 -18.95 -3.14 13.72
N GLN B 6 -19.54 -4.31 13.88
CA GLN B 6 -19.12 -5.47 13.12
C GLN B 6 -19.46 -5.27 11.63
N GLY B 7 -18.48 -5.54 10.79
CA GLY B 7 -18.67 -5.40 9.35
C GLY B 7 -17.40 -4.85 8.69
N PRO B 8 -17.21 -3.51 8.84
CA PRO B 8 -16.05 -2.85 8.26
C PRO B 8 -14.78 -3.16 9.06
N TRP B 9 -13.68 -3.30 8.34
CA TRP B 9 -12.41 -3.59 8.97
C TRP B 9 -11.42 -2.50 8.55
N LEU B 10 -10.22 -2.59 9.12
CA LEU B 10 -9.18 -1.61 8.82
C LEU B 10 -8.53 -1.97 7.48
N ARG B 11 -8.33 -3.26 7.29
CA ARG B 11 -7.72 -3.75 6.06
C ARG B 11 -8.54 -3.30 4.84
N GLU B 12 -9.76 -3.83 4.76
CA GLU B 12 -10.65 -3.50 3.66
C GLU B 12 -10.66 -1.99 3.42
N GLN B 13 -10.79 -1.25 4.51
CA GLN B 13 -10.81 0.20 4.44
C GLN B 13 -9.66 0.70 3.56
N CYS B 14 -8.49 0.14 3.81
CA CYS B 14 -7.31 0.52 3.05
C CYS B 14 -7.66 0.50 1.56
N CYS B 15 -8.22 -0.64 1.14
CA CYS B 15 -8.60 -0.80 -0.25
C CYS B 15 -9.68 0.23 -0.58
N ASN B 16 -10.76 0.17 0.19
CA ASN B 16 -11.88 1.10 0.00
C ASN B 16 -11.32 2.48 -0.34
N GLU B 17 -10.21 2.82 0.30
CA GLU B 17 -9.58 4.11 0.08
C GLU B 17 -9.40 4.36 -1.43
N LEU B 18 -8.89 3.36 -2.10
CA LEU B 18 -8.66 3.45 -3.54
C LEU B 18 -9.95 3.11 -4.27
N TYR B 19 -10.66 2.12 -3.75
CA TYR B 19 -11.91 1.69 -4.34
C TYR B 19 -12.90 2.86 -4.45
N GLN B 20 -13.38 3.29 -3.30
CA GLN B 20 -14.33 4.39 -3.25
C GLN B 20 -13.82 5.56 -4.10
N GLU B 21 -12.50 5.71 -4.11
CA GLU B 21 -11.88 6.78 -4.88
C GLU B 21 -11.92 6.46 -6.38
N ASP B 22 -10.85 6.84 -7.06
CA ASP B 22 -10.75 6.60 -8.48
C ASP B 22 -9.38 5.98 -8.79
N GLN B 23 -9.40 4.67 -8.96
CA GLN B 23 -8.17 3.94 -9.27
C GLN B 23 -7.46 4.58 -10.45
N VAL B 24 -8.07 5.62 -10.98
CA VAL B 24 -7.50 6.33 -12.12
C VAL B 24 -5.99 6.10 -12.15
N CYS B 25 -5.39 6.14 -10.98
CA CYS B 25 -3.96 5.93 -10.87
C CYS B 25 -3.58 4.70 -11.69
N VAL B 26 -3.54 3.55 -11.00
CA VAL B 26 -3.20 2.30 -11.65
C VAL B 26 -2.76 1.29 -10.59
N CYS B 27 -1.46 1.27 -10.34
CA CYS B 27 -0.91 0.36 -9.35
C CYS B 27 0.51 0.83 -8.99
N PRO B 28 0.87 2.01 -9.56
CA PRO B 28 2.19 2.58 -9.32
C PRO B 28 2.26 3.19 -7.91
N THR B 29 1.09 3.39 -7.33
CA THR B 29 1.00 3.97 -6.00
C THR B 29 1.86 3.16 -5.02
N LEU B 30 1.79 1.84 -5.16
CA LEU B 30 2.55 0.95 -4.30
C LEU B 30 3.92 1.57 -4.01
N LYS B 31 4.69 1.75 -5.07
CA LYS B 31 6.01 2.34 -4.94
C LYS B 31 5.94 3.57 -4.04
N GLN B 32 5.08 4.50 -4.44
CA GLN B 32 4.91 5.73 -3.67
C GLN B 32 4.71 5.41 -2.19
N ALA B 33 4.01 4.31 -1.94
CA ALA B 33 3.76 3.89 -0.58
C ALA B 33 5.07 3.83 0.20
N ALA B 34 5.86 2.82 -0.10
CA ALA B 34 7.15 2.65 0.56
C ALA B 34 8.07 3.81 0.19
N LYS B 35 7.98 4.21 -1.08
CA LYS B 35 8.80 5.30 -1.57
C LYS B 35 8.73 6.47 -0.59
N SER B 36 7.50 6.85 -0.26
CA SER B 36 7.28 7.96 0.65
C SER B 36 7.31 7.44 2.10
N VAL B 37 6.55 6.38 2.33
CA VAL B 37 6.48 5.79 3.65
C VAL B 37 7.87 5.85 4.30
N ARG B 38 8.65 4.82 4.04
CA ARG B 38 10.00 4.75 4.60
C ARG B 38 11.02 5.27 3.58
N VAL B 39 11.74 4.34 2.98
CA VAL B 39 12.75 4.69 1.99
C VAL B 39 12.83 6.21 1.88
N GLN B 40 13.91 6.76 2.44
CA GLN B 40 14.11 8.19 2.41
C GLN B 40 15.40 8.56 3.16
N GLY B 41 15.91 9.75 2.87
CA GLY B 41 17.12 10.22 3.51
C GLY B 41 18.24 9.19 3.39
N GLN B 42 18.49 8.50 4.48
CA GLN B 42 19.54 7.48 4.52
C GLN B 42 19.15 6.30 3.62
N HIS B 43 17.93 6.35 3.12
CA HIS B 43 17.42 5.30 2.26
C HIS B 43 16.53 5.91 1.17
N GLY B 44 17.09 6.86 0.44
CA GLY B 44 16.36 7.52 -0.61
C GLY B 44 15.78 6.51 -1.60
N PRO B 45 16.25 6.61 -2.87
CA PRO B 45 15.78 5.71 -3.91
C PRO B 45 16.40 4.31 -3.76
N PHE B 46 15.54 3.31 -3.78
CA PHE B 46 16.00 1.94 -3.64
C PHE B 46 15.57 1.10 -4.84
N GLN B 47 16.01 -0.15 -4.85
CA GLN B 47 15.69 -1.06 -5.92
C GLN B 47 14.26 -1.60 -5.75
N SER B 48 13.57 -1.03 -4.78
CA SER B 48 12.20 -1.45 -4.50
C SER B 48 11.29 -1.09 -5.68
N THR B 49 11.63 0.02 -6.32
CA THR B 49 10.86 0.48 -7.47
C THR B 49 10.38 -0.71 -8.30
N ARG B 50 11.30 -1.62 -8.57
CA ARG B 50 10.99 -2.80 -9.36
C ARG B 50 10.37 -3.88 -8.46
N ILE B 51 11.22 -4.47 -7.63
CA ILE B 51 10.78 -5.52 -6.72
C ILE B 51 9.38 -5.17 -6.21
N TYR B 52 9.17 -3.88 -5.98
CA TYR B 52 7.89 -3.41 -5.48
C TYR B 52 6.74 -4.24 -6.07
N GLN B 53 6.72 -4.32 -7.39
CA GLN B 53 5.69 -5.07 -8.09
C GLN B 53 5.35 -6.34 -7.31
N ILE B 54 6.37 -6.92 -6.70
CA ILE B 54 6.20 -8.14 -5.93
C ILE B 54 4.85 -8.08 -5.20
N ALA B 55 4.78 -7.21 -4.21
CA ALA B 55 3.58 -7.05 -3.43
C ALA B 55 2.50 -6.41 -4.31
N LYS B 56 1.45 -5.93 -3.64
CA LYS B 56 0.35 -5.31 -4.34
C LYS B 56 -0.70 -4.85 -3.33
N ASN B 57 -1.61 -5.77 -3.01
CA ASN B 57 -2.67 -5.47 -2.07
C ASN B 57 -2.06 -5.26 -0.68
N LEU B 58 -1.09 -6.11 -0.36
CA LEU B 58 -0.43 -6.03 0.93
C LEU B 58 0.45 -7.26 1.12
N PRO B 59 -0.18 -8.46 0.92
CA PRO B 59 -1.58 -8.51 0.54
C PRO B 59 -2.48 -8.19 1.74
N ASN B 60 -3.66 -7.66 1.44
CA ASN B 60 -4.61 -7.32 2.48
C ASN B 60 -5.52 -6.19 1.98
N VAL B 61 -4.89 -5.07 1.70
CA VAL B 61 -5.63 -3.90 1.22
C VAL B 61 -7.02 -4.34 0.77
N CYS B 62 -7.10 -4.78 -0.48
CA CYS B 62 -8.37 -5.22 -1.04
C CYS B 62 -8.60 -6.67 -0.61
N ASN B 63 -7.86 -7.57 -1.24
CA ASN B 63 -7.97 -8.99 -0.94
C ASN B 63 -9.23 -9.55 -1.59
N MET B 64 -9.69 -8.85 -2.62
CA MET B 64 -10.89 -9.26 -3.33
C MET B 64 -10.51 -9.99 -4.63
N LYS B 65 -10.43 -11.31 -4.53
CA LYS B 65 -10.09 -12.12 -5.68
C LYS B 65 -11.14 -11.90 -6.78
N GLN B 66 -12.13 -11.09 -6.45
CA GLN B 66 -13.20 -10.79 -7.39
C GLN B 66 -12.73 -9.74 -8.40
N ILE B 67 -12.18 -8.66 -7.87
CA ILE B 67 -11.69 -7.57 -8.69
C ILE B 67 -10.17 -7.70 -8.87
N GLY B 68 -9.48 -7.62 -7.74
CA GLY B 68 -8.03 -7.72 -7.75
C GLY B 68 -7.41 -6.79 -6.72
N THR B 69 -6.09 -6.85 -6.62
CA THR B 69 -5.36 -6.02 -5.67
C THR B 69 -4.75 -4.81 -6.40
N CYS B 70 -4.39 -3.81 -5.61
CA CYS B 70 -3.79 -2.60 -6.15
C CYS B 70 -3.47 -1.66 -4.98
N PRO B 71 -2.56 -0.69 -5.27
CA PRO B 71 -2.17 0.28 -4.26
C PRO B 71 -3.26 1.33 -4.04
N PHE B 72 -3.13 2.05 -2.94
CA PHE B 72 -4.10 3.08 -2.60
C PHE B 72 -3.83 4.37 -3.37
N ILE B 73 -4.89 5.13 -3.59
CA ILE B 73 -4.77 6.39 -4.31
C ILE B 73 -5.58 7.46 -3.58
N ALA B 74 -5.94 8.50 -4.34
CA ALA B 74 -6.72 9.59 -3.77
C ALA B 74 -7.54 10.25 -4.89
N ILE B 75 -8.34 11.22 -4.50
CA ILE B 75 -9.18 11.94 -5.44
C ILE B 75 -8.31 12.49 -6.57
#